data_2PST
# 
_entry.id   2PST 
# 
_audit_conform.dict_name       mmcif_pdbx.dic 
_audit_conform.dict_version    5.387 
_audit_conform.dict_location   http://mmcif.pdb.org/dictionaries/ascii/mmcif_pdbx.dic 
# 
loop_
_database_2.database_id 
_database_2.database_code 
_database_2.pdbx_database_accession 
_database_2.pdbx_DOI 
PDB   2PST         pdb_00002pst 10.2210/pdb2pst/pdb 
RCSB  RCSB042741   ?            ?                   
WWPDB D_1000042741 ?            ?                   
# 
loop_
_pdbx_audit_revision_history.ordinal 
_pdbx_audit_revision_history.data_content_type 
_pdbx_audit_revision_history.major_revision 
_pdbx_audit_revision_history.minor_revision 
_pdbx_audit_revision_history.revision_date 
1 'Structure model' 1 0 2007-05-22 
2 'Structure model' 1 1 2008-05-01 
3 'Structure model' 1 2 2011-07-13 
4 'Structure model' 1 3 2017-10-18 
5 'Structure model' 1 4 2024-02-21 
# 
_pdbx_audit_revision_details.ordinal             1 
_pdbx_audit_revision_details.revision_ordinal    1 
_pdbx_audit_revision_details.data_content_type   'Structure model' 
_pdbx_audit_revision_details.provider            repository 
_pdbx_audit_revision_details.type                'Initial release' 
_pdbx_audit_revision_details.description         ? 
_pdbx_audit_revision_details.details             ? 
# 
loop_
_pdbx_audit_revision_group.ordinal 
_pdbx_audit_revision_group.revision_ordinal 
_pdbx_audit_revision_group.data_content_type 
_pdbx_audit_revision_group.group 
1 2 'Structure model' 'Version format compliance' 
2 3 'Structure model' Advisory                    
3 3 'Structure model' 'Version format compliance' 
4 4 'Structure model' Advisory                    
5 4 'Structure model' 'Refinement description'    
6 5 'Structure model' Advisory                    
7 5 'Structure model' 'Data collection'           
8 5 'Structure model' 'Database references'       
# 
loop_
_pdbx_audit_revision_category.ordinal 
_pdbx_audit_revision_category.revision_ordinal 
_pdbx_audit_revision_category.data_content_type 
_pdbx_audit_revision_category.category 
1 4 'Structure model' pdbx_unobs_or_zero_occ_atoms 
2 4 'Structure model' software                     
3 5 'Structure model' chem_comp_atom               
4 5 'Structure model' chem_comp_bond               
5 5 'Structure model' database_2                   
6 5 'Structure model' pdbx_unobs_or_zero_occ_atoms 
7 5 'Structure model' struct_ref_seq_dif           
# 
loop_
_pdbx_audit_revision_item.ordinal 
_pdbx_audit_revision_item.revision_ordinal 
_pdbx_audit_revision_item.data_content_type 
_pdbx_audit_revision_item.item 
1  4 'Structure model' '_software.classification'            
2  4 'Structure model' '_software.contact_author'            
3  4 'Structure model' '_software.contact_author_email'      
4  4 'Structure model' '_software.date'                      
5  4 'Structure model' '_software.language'                  
6  4 'Structure model' '_software.location'                  
7  4 'Structure model' '_software.name'                      
8  4 'Structure model' '_software.type'                      
9  4 'Structure model' '_software.version'                   
10 5 'Structure model' '_database_2.pdbx_DOI'                
11 5 'Structure model' '_database_2.pdbx_database_accession' 
12 5 'Structure model' '_struct_ref_seq_dif.details'         
# 
_pdbx_database_status.entry_id                        2PST 
_pdbx_database_status.deposit_site                    RCSB 
_pdbx_database_status.process_site                    RCSB 
_pdbx_database_status.recvd_initial_deposition_date   2007-05-07 
_pdbx_database_status.status_code                     REL 
_pdbx_database_status.status_code_sf                  REL 
_pdbx_database_status.status_code_mr                  ? 
_pdbx_database_status.SG_entry                        ? 
_pdbx_database_status.pdb_format_compatible           Y 
_pdbx_database_status.status_code_cs                  ? 
_pdbx_database_status.methods_development_category    ? 
_pdbx_database_status.status_code_nmr_data            ? 
# 
_pdbx_database_related.db_name        PDB 
_pdbx_database_related.db_id          2GPF 
_pdbx_database_related.details        . 
_pdbx_database_related.content_type   unspecified 
# 
loop_
_audit_author.name 
_audit_author.pdbx_ordinal 
'Gulick, A.M.' 1 
'Drake, E.J.'  2 
'Shah, M.B.'   3 
# 
_citation.id                        primary 
_citation.title                     
'The 1.8 A crystal structure of PA2412, an MbtH-like protein from the pyoverdine cluster of Pseudomonas aeruginosa.' 
_citation.journal_abbrev            J.Biol.Chem. 
_citation.journal_volume            282 
_citation.page_first                20425 
_citation.page_last                 20434 
_citation.year                      2007 
_citation.journal_id_ASTM           JBCHA3 
_citation.country                   US 
_citation.journal_id_ISSN           0021-9258 
_citation.journal_id_CSD            0071 
_citation.book_publisher            ? 
_citation.pdbx_database_id_PubMed   17502378 
_citation.pdbx_database_id_DOI      10.1074/jbc.M611833200 
# 
loop_
_citation_author.citation_id 
_citation_author.name 
_citation_author.ordinal 
_citation_author.identifier_ORCID 
primary 'Drake, E.J.'       1 ? 
primary 'Cao, J.'           2 ? 
primary 'Qu, J.'            3 ? 
primary 'Shah, M.B.'        4 ? 
primary 'Straubinger, R.M.' 5 ? 
primary 'Gulick, A.M.'      6 ? 
# 
loop_
_entity.id 
_entity.type 
_entity.src_method 
_entity.pdbx_description 
_entity.formula_weight 
_entity.pdbx_number_of_molecules 
_entity.pdbx_ec 
_entity.pdbx_mutation 
_entity.pdbx_fragment 
_entity.details 
1 polymer man 'Hypothetical protein PA2412' 8649.739 1  ? ? ? ? 
2 water   nat water                         18.015   76 ? ? ? ? 
# 
_entity_poly.entity_id                      1 
_entity_poly.type                           'polypeptide(L)' 
_entity_poly.nstd_linkage                   no 
_entity_poly.nstd_monomer                   no 
_entity_poly.pdbx_seq_one_letter_code       GHMTSVFDRDDIQFQVVVNHEEQYSIWPEYKEIPQGWRAAGKSGLKKDCLAYIEEVWTDMRPLSLRQHMDKAAG 
_entity_poly.pdbx_seq_one_letter_code_can   GHMTSVFDRDDIQFQVVVNHEEQYSIWPEYKEIPQGWRAAGKSGLKKDCLAYIEEVWTDMRPLSLRQHMDKAAG 
_entity_poly.pdbx_strand_id                 X 
_entity_poly.pdbx_target_identifier         ? 
# 
_pdbx_entity_nonpoly.entity_id   2 
_pdbx_entity_nonpoly.name        water 
_pdbx_entity_nonpoly.comp_id     HOH 
# 
loop_
_entity_poly_seq.entity_id 
_entity_poly_seq.num 
_entity_poly_seq.mon_id 
_entity_poly_seq.hetero 
1 1  GLY n 
1 2  HIS n 
1 3  MET n 
1 4  THR n 
1 5  SER n 
1 6  VAL n 
1 7  PHE n 
1 8  ASP n 
1 9  ARG n 
1 10 ASP n 
1 11 ASP n 
1 12 ILE n 
1 13 GLN n 
1 14 PHE n 
1 15 GLN n 
1 16 VAL n 
1 17 VAL n 
1 18 VAL n 
1 19 ASN n 
1 20 HIS n 
1 21 GLU n 
1 22 GLU n 
1 23 GLN n 
1 24 TYR n 
1 25 SER n 
1 26 ILE n 
1 27 TRP n 
1 28 PRO n 
1 29 GLU n 
1 30 TYR n 
1 31 LYS n 
1 32 GLU n 
1 33 ILE n 
1 34 PRO n 
1 35 GLN n 
1 36 GLY n 
1 37 TRP n 
1 38 ARG n 
1 39 ALA n 
1 40 ALA n 
1 41 GLY n 
1 42 LYS n 
1 43 SER n 
1 44 GLY n 
1 45 LEU n 
1 46 LYS n 
1 47 LYS n 
1 48 ASP n 
1 49 CYS n 
1 50 LEU n 
1 51 ALA n 
1 52 TYR n 
1 53 ILE n 
1 54 GLU n 
1 55 GLU n 
1 56 VAL n 
1 57 TRP n 
1 58 THR n 
1 59 ASP n 
1 60 MET n 
1 61 ARG n 
1 62 PRO n 
1 63 LEU n 
1 64 SER n 
1 65 LEU n 
1 66 ARG n 
1 67 GLN n 
1 68 HIS n 
1 69 MET n 
1 70 ASP n 
1 71 LYS n 
1 72 ALA n 
1 73 ALA n 
1 74 GLY n 
# 
_entity_src_gen.entity_id                          1 
_entity_src_gen.pdbx_src_id                        1 
_entity_src_gen.pdbx_alt_source_flag               sample 
_entity_src_gen.pdbx_seq_type                      ? 
_entity_src_gen.pdbx_beg_seq_num                   ? 
_entity_src_gen.pdbx_end_seq_num                   ? 
_entity_src_gen.gene_src_common_name               ? 
_entity_src_gen.gene_src_genus                     Pseudomonas 
_entity_src_gen.pdbx_gene_src_gene                 ? 
_entity_src_gen.gene_src_species                   'Pseudomonas aeruginosa' 
_entity_src_gen.gene_src_strain                    PA01 
_entity_src_gen.gene_src_tissue                    ? 
_entity_src_gen.gene_src_tissue_fraction           ? 
_entity_src_gen.gene_src_details                   ? 
_entity_src_gen.pdbx_gene_src_fragment             ? 
_entity_src_gen.pdbx_gene_src_scientific_name      'Pseudomonas aeruginosa PAO1' 
_entity_src_gen.pdbx_gene_src_ncbi_taxonomy_id     208964 
_entity_src_gen.pdbx_gene_src_variant              ? 
_entity_src_gen.pdbx_gene_src_cell_line            ? 
_entity_src_gen.pdbx_gene_src_atcc                 ? 
_entity_src_gen.pdbx_gene_src_organ                ? 
_entity_src_gen.pdbx_gene_src_organelle            ? 
_entity_src_gen.pdbx_gene_src_cell                 ? 
_entity_src_gen.pdbx_gene_src_cellular_location    ? 
_entity_src_gen.host_org_common_name               ? 
_entity_src_gen.pdbx_host_org_scientific_name      'Escherichia coli BL21(DE3)' 
_entity_src_gen.pdbx_host_org_ncbi_taxonomy_id     469008 
_entity_src_gen.host_org_genus                     Escherichia 
_entity_src_gen.pdbx_host_org_gene                 ? 
_entity_src_gen.pdbx_host_org_organ                ? 
_entity_src_gen.host_org_species                   'Escherichia coli' 
_entity_src_gen.pdbx_host_org_tissue               ? 
_entity_src_gen.pdbx_host_org_tissue_fraction      ? 
_entity_src_gen.pdbx_host_org_strain               'BL21(DE3)' 
_entity_src_gen.pdbx_host_org_variant              ? 
_entity_src_gen.pdbx_host_org_cell_line            ? 
_entity_src_gen.pdbx_host_org_atcc                 ? 
_entity_src_gen.pdbx_host_org_culture_collection   ? 
_entity_src_gen.pdbx_host_org_cell                 ? 
_entity_src_gen.pdbx_host_org_organelle            ? 
_entity_src_gen.pdbx_host_org_cellular_location    ? 
_entity_src_gen.pdbx_host_org_vector_type          plasmid 
_entity_src_gen.pdbx_host_org_vector               ? 
_entity_src_gen.host_org_details                   ? 
_entity_src_gen.expression_system_id               ? 
_entity_src_gen.plasmid_name                       'pET15 modified' 
_entity_src_gen.plasmid_details                    ? 
_entity_src_gen.pdbx_description                   ? 
# 
loop_
_chem_comp.id 
_chem_comp.type 
_chem_comp.mon_nstd_flag 
_chem_comp.name 
_chem_comp.pdbx_synonyms 
_chem_comp.formula 
_chem_comp.formula_weight 
ALA 'L-peptide linking' y ALANINE         ? 'C3 H7 N O2'     89.093  
ARG 'L-peptide linking' y ARGININE        ? 'C6 H15 N4 O2 1' 175.209 
ASN 'L-peptide linking' y ASPARAGINE      ? 'C4 H8 N2 O3'    132.118 
ASP 'L-peptide linking' y 'ASPARTIC ACID' ? 'C4 H7 N O4'     133.103 
CYS 'L-peptide linking' y CYSTEINE        ? 'C3 H7 N O2 S'   121.158 
GLN 'L-peptide linking' y GLUTAMINE       ? 'C5 H10 N2 O3'   146.144 
GLU 'L-peptide linking' y 'GLUTAMIC ACID' ? 'C5 H9 N O4'     147.129 
GLY 'peptide linking'   y GLYCINE         ? 'C2 H5 N O2'     75.067  
HIS 'L-peptide linking' y HISTIDINE       ? 'C6 H10 N3 O2 1' 156.162 
HOH non-polymer         . WATER           ? 'H2 O'           18.015  
ILE 'L-peptide linking' y ISOLEUCINE      ? 'C6 H13 N O2'    131.173 
LEU 'L-peptide linking' y LEUCINE         ? 'C6 H13 N O2'    131.173 
LYS 'L-peptide linking' y LYSINE          ? 'C6 H15 N2 O2 1' 147.195 
MET 'L-peptide linking' y METHIONINE      ? 'C5 H11 N O2 S'  149.211 
PHE 'L-peptide linking' y PHENYLALANINE   ? 'C9 H11 N O2'    165.189 
PRO 'L-peptide linking' y PROLINE         ? 'C5 H9 N O2'     115.130 
SER 'L-peptide linking' y SERINE          ? 'C3 H7 N O3'     105.093 
THR 'L-peptide linking' y THREONINE       ? 'C4 H9 N O3'     119.119 
TRP 'L-peptide linking' y TRYPTOPHAN      ? 'C11 H12 N2 O2'  204.225 
TYR 'L-peptide linking' y TYROSINE        ? 'C9 H11 N O3'    181.189 
VAL 'L-peptide linking' y VALINE          ? 'C5 H11 N O2'    117.146 
# 
loop_
_pdbx_poly_seq_scheme.asym_id 
_pdbx_poly_seq_scheme.entity_id 
_pdbx_poly_seq_scheme.seq_id 
_pdbx_poly_seq_scheme.mon_id 
_pdbx_poly_seq_scheme.ndb_seq_num 
_pdbx_poly_seq_scheme.pdb_seq_num 
_pdbx_poly_seq_scheme.auth_seq_num 
_pdbx_poly_seq_scheme.pdb_mon_id 
_pdbx_poly_seq_scheme.auth_mon_id 
_pdbx_poly_seq_scheme.pdb_strand_id 
_pdbx_poly_seq_scheme.pdb_ins_code 
_pdbx_poly_seq_scheme.hetero 
A 1 1  GLY 1  -1 ?  ?   ?   X . n 
A 1 2  HIS 2  0  ?  ?   ?   X . n 
A 1 3  MET 3  1  ?  ?   ?   X . n 
A 1 4  THR 4  2  ?  ?   ?   X . n 
A 1 5  SER 5  3  ?  ?   ?   X . n 
A 1 6  VAL 6  4  ?  ?   ?   X . n 
A 1 7  PHE 7  5  ?  ?   ?   X . n 
A 1 8  ASP 8  6  ?  ?   ?   X . n 
A 1 9  ARG 9  7  ?  ?   ?   X . n 
A 1 10 ASP 10 8  8  ASP ASP X . n 
A 1 11 ASP 11 9  9  ASP ASP X . n 
A 1 12 ILE 12 10 10 ILE ILE X . n 
A 1 13 GLN 13 11 11 GLN GLN X . n 
A 1 14 PHE 14 12 12 PHE PHE X . n 
A 1 15 GLN 15 13 13 GLN GLN X . n 
A 1 16 VAL 16 14 14 VAL VAL X . n 
A 1 17 VAL 17 15 15 VAL VAL X . n 
A 1 18 VAL 18 16 16 VAL VAL X . n 
A 1 19 ASN 19 17 17 ASN ASN X . n 
A 1 20 HIS 20 18 18 HIS HIS X . n 
A 1 21 GLU 21 19 19 GLU GLU X . n 
A 1 22 GLU 22 20 20 GLU GLU X . n 
A 1 23 GLN 23 21 21 GLN GLN X . n 
A 1 24 TYR 24 22 22 TYR TYR X . n 
A 1 25 SER 25 23 23 SER SER X . n 
A 1 26 ILE 26 24 24 ILE ILE X . n 
A 1 27 TRP 27 25 25 TRP TRP X . n 
A 1 28 PRO 28 26 26 PRO PRO X . n 
A 1 29 GLU 29 27 27 GLU GLU X . n 
A 1 30 TYR 30 28 28 TYR TYR X . n 
A 1 31 LYS 31 29 29 LYS LYS X . n 
A 1 32 GLU 32 30 30 GLU GLU X . n 
A 1 33 ILE 33 31 31 ILE ILE X . n 
A 1 34 PRO 34 32 32 PRO PRO X . n 
A 1 35 GLN 35 33 33 GLN GLN X . n 
A 1 36 GLY 36 34 34 GLY GLY X . n 
A 1 37 TRP 37 35 35 TRP TRP X . n 
A 1 38 ARG 38 36 36 ARG ARG X . n 
A 1 39 ALA 39 37 37 ALA ALA X . n 
A 1 40 ALA 40 38 38 ALA ALA X . n 
A 1 41 GLY 41 39 39 GLY GLY X . n 
A 1 42 LYS 42 40 40 LYS LYS X . n 
A 1 43 SER 43 41 41 SER SER X . n 
A 1 44 GLY 44 42 42 GLY GLY X . n 
A 1 45 LEU 45 43 43 LEU LEU X . n 
A 1 46 LYS 46 44 44 LYS LYS X . n 
A 1 47 LYS 47 45 45 LYS LYS X . n 
A 1 48 ASP 48 46 46 ASP ASP X . n 
A 1 49 CYS 49 47 47 CYS CYS X . n 
A 1 50 LEU 50 48 48 LEU LEU X . n 
A 1 51 ALA 51 49 49 ALA ALA X . n 
A 1 52 TYR 52 50 50 TYR TYR X . n 
A 1 53 ILE 53 51 51 ILE ILE X . n 
A 1 54 GLU 54 52 52 GLU GLU X . n 
A 1 55 GLU 55 53 53 GLU GLU X . n 
A 1 56 VAL 56 54 54 VAL VAL X . n 
A 1 57 TRP 57 55 55 TRP TRP X . n 
A 1 58 THR 58 56 56 THR THR X . n 
A 1 59 ASP 59 57 57 ASP ASP X . n 
A 1 60 MET 60 58 58 MET MET X . n 
A 1 61 ARG 61 59 59 ARG ARG X . n 
A 1 62 PRO 62 60 60 PRO PRO X . n 
A 1 63 LEU 63 61 61 LEU LEU X . n 
A 1 64 SER 64 62 62 SER SER X . n 
A 1 65 LEU 65 63 63 LEU LEU X . n 
A 1 66 ARG 66 64 64 ARG ARG X . n 
A 1 67 GLN 67 65 65 GLN GLN X . n 
A 1 68 HIS 68 66 66 HIS HIS X . n 
A 1 69 MET 69 67 67 MET MET X . n 
A 1 70 ASP 70 68 68 ASP ASP X . n 
A 1 71 LYS 71 69 ?  ?   ?   X . n 
A 1 72 ALA 72 70 ?  ?   ?   X . n 
A 1 73 ALA 73 71 ?  ?   ?   X . n 
A 1 74 GLY 74 72 ?  ?   ?   X . n 
# 
loop_
_pdbx_nonpoly_scheme.asym_id 
_pdbx_nonpoly_scheme.entity_id 
_pdbx_nonpoly_scheme.mon_id 
_pdbx_nonpoly_scheme.ndb_seq_num 
_pdbx_nonpoly_scheme.pdb_seq_num 
_pdbx_nonpoly_scheme.auth_seq_num 
_pdbx_nonpoly_scheme.pdb_mon_id 
_pdbx_nonpoly_scheme.auth_mon_id 
_pdbx_nonpoly_scheme.pdb_strand_id 
_pdbx_nonpoly_scheme.pdb_ins_code 
B 2 HOH 1  73  1  HOH HOH X . 
B 2 HOH 2  74  2  HOH HOH X . 
B 2 HOH 3  75  3  HOH HOH X . 
B 2 HOH 4  76  4  HOH HOH X . 
B 2 HOH 5  77  5  HOH HOH X . 
B 2 HOH 6  78  6  HOH HOH X . 
B 2 HOH 7  79  7  HOH HOH X . 
B 2 HOH 8  80  8  HOH HOH X . 
B 2 HOH 9  81  9  HOH HOH X . 
B 2 HOH 10 82  10 HOH HOH X . 
B 2 HOH 11 83  11 HOH HOH X . 
B 2 HOH 12 84  12 HOH HOH X . 
B 2 HOH 13 85  13 HOH HOH X . 
B 2 HOH 14 86  14 HOH HOH X . 
B 2 HOH 15 87  15 HOH HOH X . 
B 2 HOH 16 88  16 HOH HOH X . 
B 2 HOH 17 89  17 HOH HOH X . 
B 2 HOH 18 90  18 HOH HOH X . 
B 2 HOH 19 91  19 HOH HOH X . 
B 2 HOH 20 92  20 HOH HOH X . 
B 2 HOH 21 93  21 HOH HOH X . 
B 2 HOH 22 94  22 HOH HOH X . 
B 2 HOH 23 95  23 HOH HOH X . 
B 2 HOH 24 96  24 HOH HOH X . 
B 2 HOH 25 97  25 HOH HOH X . 
B 2 HOH 26 98  26 HOH HOH X . 
B 2 HOH 27 99  27 HOH HOH X . 
B 2 HOH 28 100 28 HOH HOH X . 
B 2 HOH 29 101 29 HOH HOH X . 
B 2 HOH 30 102 30 HOH HOH X . 
B 2 HOH 31 103 31 HOH HOH X . 
B 2 HOH 32 104 32 HOH HOH X . 
B 2 HOH 33 105 33 HOH HOH X . 
B 2 HOH 34 106 34 HOH HOH X . 
B 2 HOH 35 107 35 HOH HOH X . 
B 2 HOH 36 108 36 HOH HOH X . 
B 2 HOH 37 109 37 HOH HOH X . 
B 2 HOH 38 110 38 HOH HOH X . 
B 2 HOH 39 111 39 HOH HOH X . 
B 2 HOH 40 112 40 HOH HOH X . 
B 2 HOH 41 113 41 HOH HOH X . 
B 2 HOH 42 114 42 HOH HOH X . 
B 2 HOH 43 115 43 HOH HOH X . 
B 2 HOH 44 116 44 HOH HOH X . 
B 2 HOH 45 117 45 HOH HOH X . 
B 2 HOH 46 118 46 HOH HOH X . 
B 2 HOH 47 119 47 HOH HOH X . 
B 2 HOH 48 120 48 HOH HOH X . 
B 2 HOH 49 121 49 HOH HOH X . 
B 2 HOH 50 122 50 HOH HOH X . 
B 2 HOH 51 123 51 HOH HOH X . 
B 2 HOH 52 124 52 HOH HOH X . 
B 2 HOH 53 125 53 HOH HOH X . 
B 2 HOH 54 126 54 HOH HOH X . 
B 2 HOH 55 127 55 HOH HOH X . 
B 2 HOH 56 128 56 HOH HOH X . 
B 2 HOH 57 129 57 HOH HOH X . 
B 2 HOH 58 130 58 HOH HOH X . 
B 2 HOH 59 131 59 HOH HOH X . 
B 2 HOH 60 132 60 HOH HOH X . 
B 2 HOH 61 133 61 HOH HOH X . 
B 2 HOH 62 134 62 HOH HOH X . 
B 2 HOH 63 135 63 HOH HOH X . 
B 2 HOH 64 136 64 HOH HOH X . 
B 2 HOH 65 137 65 HOH HOH X . 
B 2 HOH 66 138 66 HOH HOH X . 
B 2 HOH 67 139 67 HOH HOH X . 
B 2 HOH 68 140 68 HOH HOH X . 
B 2 HOH 69 141 69 HOH HOH X . 
B 2 HOH 70 142 70 HOH HOH X . 
B 2 HOH 71 143 71 HOH HOH X . 
B 2 HOH 72 144 72 HOH HOH X . 
B 2 HOH 73 145 73 HOH HOH X . 
B 2 HOH 74 146 74 HOH HOH X . 
B 2 HOH 75 147 75 HOH HOH X . 
B 2 HOH 76 148 76 HOH HOH X . 
# 
loop_
_pdbx_unobs_or_zero_occ_atoms.id 
_pdbx_unobs_or_zero_occ_atoms.PDB_model_num 
_pdbx_unobs_or_zero_occ_atoms.polymer_flag 
_pdbx_unobs_or_zero_occ_atoms.occupancy_flag 
_pdbx_unobs_or_zero_occ_atoms.auth_asym_id 
_pdbx_unobs_or_zero_occ_atoms.auth_comp_id 
_pdbx_unobs_or_zero_occ_atoms.auth_seq_id 
_pdbx_unobs_or_zero_occ_atoms.PDB_ins_code 
_pdbx_unobs_or_zero_occ_atoms.auth_atom_id 
_pdbx_unobs_or_zero_occ_atoms.label_alt_id 
_pdbx_unobs_or_zero_occ_atoms.label_asym_id 
_pdbx_unobs_or_zero_occ_atoms.label_comp_id 
_pdbx_unobs_or_zero_occ_atoms.label_seq_id 
_pdbx_unobs_or_zero_occ_atoms.label_atom_id 
1 1 Y 1 X ASP 8 ? CG  ? A ASP 10 CG  
2 1 Y 1 X ASP 8 ? OD1 ? A ASP 10 OD1 
3 1 Y 1 X ASP 8 ? OD2 ? A ASP 10 OD2 
4 1 Y 0 X ASP 9 ? O   ? A ASP 11 O   
# 
loop_
_software.name 
_software.version 
_software.date 
_software.type 
_software.contact_author 
_software.contact_author_email 
_software.classification 
_software.location 
_software.language 
_software.citation_id 
_software.pdbx_ordinal 
DENZO       .     ?                package 'Zbyszek Otwinowski' zbyszek@mix.swmed.edu    'data reduction'  
http://www.lnls.br/infra/linhasluz/denzo-hkl.htm ?          ? 1 
SCALEPACK   .     ?                package 'Zbyszek Otwinowski' zbyszek@mix.swmed.edu    'data scaling'    
http://www.lnls.br/infra/linhasluz/denzo-hkl.htm ?          ? 2 
REFMAC      .     ?                program 'Murshudov, G.N.'    ccp4@dl.ac.uk            refinement        
http://www.ccp4.ac.uk/main.html                  Fortran_77 ? 3 
PDB_EXTRACT 2.000 'April. 3, 2006' package PDB                  sw-help@rcsb.rutgers.edu 'data extraction' 
http://pdb.rutgers.edu/software/                 C++        ? 4 
CHESS       F2    ?                ?       ?                    ?                        'data collection' ? ?          ? 5 
HKL-2000    .     ?                ?       ?                    ?                        'data reduction'  ? ?          ? 6 
SnB         .     ?                ?       ?                    ?                        phasing           ? ?          ? 7 
# 
_cell.length_a           51.543 
_cell.length_b           51.543 
_cell.length_c           32.595 
_cell.angle_alpha        90.000 
_cell.angle_beta         90.000 
_cell.angle_gamma        90.000 
_cell.entry_id           2PST 
_cell.pdbx_unique_axis   ? 
_cell.Z_PDB              4 
_cell.length_a_esd       ? 
_cell.length_b_esd       ? 
_cell.length_c_esd       ? 
_cell.angle_alpha_esd    ? 
_cell.angle_beta_esd     ? 
_cell.angle_gamma_esd    ? 
# 
_symmetry.space_group_name_H-M             'P 41' 
_symmetry.entry_id                         2PST 
_symmetry.Int_Tables_number                76 
_symmetry.pdbx_full_space_group_name_H-M   ? 
_symmetry.cell_setting                     ? 
_symmetry.space_group_name_Hall            ? 
# 
_exptl.crystals_number   1 
_exptl.entry_id          2PST 
_exptl.method            'X-RAY DIFFRACTION' 
# 
_exptl_crystal.id                    1 
_exptl_crystal.density_Matthews      2.50 
_exptl_crystal.density_meas          ? 
_exptl_crystal.density_percent_sol   50.84 
_exptl_crystal.description           ? 
_exptl_crystal.F_000                 ? 
_exptl_crystal.preparation           ? 
# 
_exptl_crystal_grow.crystal_id      1 
_exptl_crystal_grow.method          MICROBATCH 
_exptl_crystal_grow.pH              5.0 
_exptl_crystal_grow.temp            277 
_exptl_crystal_grow.temp_details    ? 
_exptl_crystal_grow.pdbx_details    
'Microbatch 1:1 with 33-37% polyethylene propoxylate 426, 50 mM Succinate, pH 5.0, temperature 277K' 
_exptl_crystal_grow.pdbx_pH_range   . 
# 
loop_
_diffrn.id 
_diffrn.ambient_temp 
_diffrn.ambient_temp_details 
_diffrn.crystal_id 
1   113 ? 1 
2   ?   ? 1 
3   ?   ? 1 
1,2 ?   ? 1 
# 
loop_
_diffrn_detector.diffrn_id 
_diffrn_detector.detector 
_diffrn_detector.type 
_diffrn_detector.pdbx_collection_date 
_diffrn_detector.details 
1 CCD 'ADSC QUANTUM 4'   2005-07-30 ? 
2 CCD 'ADSC QUANTUM 210' 2005-11-20 ? 
# 
loop_
_diffrn_radiation.diffrn_id 
_diffrn_radiation.wavelength_id 
_diffrn_radiation.pdbx_diffrn_protocol 
_diffrn_radiation.monochromator 
_diffrn_radiation.pdbx_monochromatic_or_laue_m_l 
_diffrn_radiation.pdbx_scattering_type 
1 1 'SINGLE WAVELENGTH' 'CHESS F2' M x-ray 
2 1 MAD                 ?          M x-ray 
# 
loop_
_diffrn_radiation_wavelength.id 
_diffrn_radiation_wavelength.wavelength 
_diffrn_radiation_wavelength.wt 
1 0.97931 1.0 
2 0.97910 1.0 
3 0.97934 1.0 
4 0.9641  1.0 
# 
loop_
_diffrn_source.diffrn_id 
_diffrn_source.source 
_diffrn_source.type 
_diffrn_source.pdbx_wavelength 
_diffrn_source.pdbx_wavelength_list 
_diffrn_source.pdbx_synchrotron_site 
_diffrn_source.pdbx_synchrotron_beamline 
1 SYNCHROTRON 'CHESS BEAMLINE F2' 0.97931 ?                          CHESS F2 
2 SYNCHROTRON 'CHESS BEAMLINE F2' ?       '0.97910, 0.97934, 0.9641' CHESS F2 
# 
_reflns.entry_id                     2PST 
_reflns.d_resolution_high            1.800 
_reflns.d_resolution_low             27.5 
_reflns.number_obs                   7822 
_reflns.pdbx_Rmerge_I_obs            0.072 
_reflns.pdbx_netI_over_sigmaI        13.900 
_reflns.pdbx_chi_squared             0.977 
_reflns.percent_possible_obs         96.300 
_reflns.observed_criterion_sigma_F   ? 
_reflns.observed_criterion_sigma_I   -3 
_reflns.number_all                   ? 
_reflns.pdbx_Rsym_value              ? 
_reflns.B_iso_Wilson_estimate        19.6 
_reflns.pdbx_redundancy              ? 
_reflns.R_free_details               ? 
_reflns.limit_h_max                  ? 
_reflns.limit_h_min                  ? 
_reflns.limit_k_max                  ? 
_reflns.limit_k_min                  ? 
_reflns.limit_l_max                  ? 
_reflns.limit_l_min                  ? 
_reflns.observed_criterion_F_max     ? 
_reflns.observed_criterion_F_min     ? 
_reflns.pdbx_scaling_rejects         ? 
_reflns.pdbx_ordinal                 1 
_reflns.pdbx_diffrn_id               1,2 
# 
_reflns_shell.d_res_high             1.80 
_reflns_shell.d_res_low              1.86 
_reflns_shell.number_measured_obs    ? 
_reflns_shell.number_measured_all    ? 
_reflns_shell.number_unique_obs      ? 
_reflns_shell.Rmerge_I_obs           0.285 
_reflns_shell.meanI_over_sigI_obs    2.3 
_reflns_shell.pdbx_Rsym_value        ? 
_reflns_shell.pdbx_chi_squared       0.521 
_reflns_shell.pdbx_redundancy        ? 
_reflns_shell.percent_possible_obs   ? 
_reflns_shell.number_unique_all      574 
_reflns_shell.percent_possible_all   72.60 
_reflns_shell.pdbx_ordinal           1 
_reflns_shell.pdbx_diffrn_id         1,2 
# 
_refine.entry_id                                 2PST 
_refine.ls_d_res_high                            1.800 
_refine.ls_d_res_low                             27.5 
_refine.pdbx_ls_sigma_F                          0.00 
_refine.ls_percent_reflns_obs                    96.500 
_refine.ls_number_reflns_obs                     7809 
_refine.pdbx_ls_cross_valid_method               THROUGHOUT 
_refine.pdbx_R_Free_selection_details            RANDOM 
_refine.details                                  'HYDROGENS HAVE BEEN ADDED IN THE RIDING POSITIONS' 
_refine.ls_R_factor_obs                          0.194 
_refine.ls_R_factor_R_work                       0.192 
_refine.ls_R_factor_R_free                       0.232 
_refine.ls_percent_reflns_R_free                 4.600 
_refine.ls_number_reflns_R_free                  359 
_refine.B_iso_mean                               23.293 
_refine.aniso_B[1][1]                            0.760 
_refine.aniso_B[2][2]                            0.760 
_refine.aniso_B[3][3]                            -1.530 
_refine.aniso_B[1][2]                            0.000 
_refine.aniso_B[1][3]                            0.000 
_refine.aniso_B[2][3]                            0.000 
_refine.correlation_coeff_Fo_to_Fc               0.952 
_refine.correlation_coeff_Fo_to_Fc_free          0.914 
_refine.pdbx_overall_ESU_R                       0.121 
_refine.pdbx_overall_ESU_R_Free                  0.121 
_refine.overall_SU_ML                            0.082 
_refine.overall_SU_B                             5.154 
_refine.solvent_model_details                    MASK 
_refine.pdbx_solvent_vdw_probe_radii             1.200 
_refine.pdbx_solvent_ion_probe_radii             0.800 
_refine.pdbx_solvent_shrinkage_radii             0.800 
_refine.pdbx_stereochemistry_target_values       'MAXIMUM LIKELIHOOD' 
_refine.pdbx_ls_sigma_I                          ? 
_refine.ls_number_reflns_all                     ? 
_refine.ls_R_factor_all                          ? 
_refine.ls_redundancy_reflns_obs                 ? 
_refine.pdbx_data_cutoff_high_absF               ? 
_refine.pdbx_data_cutoff_low_absF                ? 
_refine.ls_number_parameters                     ? 
_refine.ls_number_restraints                     ? 
_refine.ls_R_factor_R_free_error                 ? 
_refine.ls_R_factor_R_free_error_details         ? 
_refine.pdbx_method_to_determine_struct          MAD 
_refine.pdbx_starting_model                      ? 
_refine.pdbx_stereochem_target_val_spec_case     ? 
_refine.solvent_model_param_bsol                 ? 
_refine.solvent_model_param_ksol                 ? 
_refine.occupancy_max                            ? 
_refine.occupancy_min                            ? 
_refine.pdbx_isotropic_thermal_model             ? 
_refine.B_iso_min                                ? 
_refine.B_iso_max                                ? 
_refine.overall_SU_R_Cruickshank_DPI             ? 
_refine.overall_SU_R_free                        ? 
_refine.pdbx_data_cutoff_high_rms_absF           ? 
_refine.ls_wR_factor_R_free                      ? 
_refine.ls_wR_factor_R_work                      ? 
_refine.overall_FOM_free_R_set                   ? 
_refine.overall_FOM_work_R_set                   ? 
_refine.pdbx_refine_id                           'X-RAY DIFFRACTION' 
_refine.pdbx_TLS_residual_ADP_flag               'LIKELY RESIDUAL' 
_refine.pdbx_diffrn_id                           1 
_refine.pdbx_overall_phase_error                 ? 
_refine.pdbx_overall_SU_R_free_Cruickshank_DPI   ? 
_refine.pdbx_overall_SU_R_Blow_DPI               ? 
_refine.pdbx_overall_SU_R_free_Blow_DPI          ? 
# 
_refine_hist.pdbx_refine_id                   'X-RAY DIFFRACTION' 
_refine_hist.cycle_id                         LAST 
_refine_hist.pdbx_number_atoms_protein        509 
_refine_hist.pdbx_number_atoms_nucleic_acid   0 
_refine_hist.pdbx_number_atoms_ligand         0 
_refine_hist.number_atoms_solvent             76 
_refine_hist.number_atoms_total               585 
_refine_hist.d_res_high                       1.800 
_refine_hist.d_res_low                        27.5 
# 
loop_
_refine_ls_restr.type 
_refine_ls_restr.number 
_refine_ls_restr.dev_ideal 
_refine_ls_restr.dev_ideal_target 
_refine_ls_restr.weight 
_refine_ls_restr.pdbx_refine_id 
_refine_ls_restr.pdbx_restraint_function 
r_bond_refined_d         527 0.011  0.022  ? 'X-RAY DIFFRACTION' ? 
r_angle_refined_deg      715 1.265  1.934  ? 'X-RAY DIFFRACTION' ? 
r_dihedral_angle_1_deg   62  5.677  5.000  ? 'X-RAY DIFFRACTION' ? 
r_dihedral_angle_2_deg   28  39.937 24.643 ? 'X-RAY DIFFRACTION' ? 
r_dihedral_angle_3_deg   93  12.546 15.000 ? 'X-RAY DIFFRACTION' ? 
r_dihedral_angle_4_deg   3   16.199 15.000 ? 'X-RAY DIFFRACTION' ? 
r_chiral_restr           72  0.096  0.200  ? 'X-RAY DIFFRACTION' ? 
r_gen_planes_refined     408 0.005  0.020  ? 'X-RAY DIFFRACTION' ? 
r_nbd_refined            195 0.193  0.200  ? 'X-RAY DIFFRACTION' ? 
r_nbtor_refined          346 0.306  0.200  ? 'X-RAY DIFFRACTION' ? 
r_xyhbond_nbd_refined    58  0.156  0.200  ? 'X-RAY DIFFRACTION' ? 
r_symmetry_vdw_refined   23  0.251  0.200  ? 'X-RAY DIFFRACTION' ? 
r_symmetry_hbond_refined 10  0.149  0.200  ? 'X-RAY DIFFRACTION' ? 
r_mcbond_it              320 0.784  1.500  ? 'X-RAY DIFFRACTION' ? 
r_mcangle_it             496 1.222  2.000  ? 'X-RAY DIFFRACTION' ? 
r_scbond_it              251 1.727  3.000  ? 'X-RAY DIFFRACTION' ? 
r_scangle_it             218 2.703  4.500  ? 'X-RAY DIFFRACTION' ? 
# 
_refine_ls_shell.d_res_high                       1.800 
_refine_ls_shell.d_res_low                        1.847 
_refine_ls_shell.pdbx_total_number_of_bins_used   20 
_refine_ls_shell.percent_reflns_obs               70.560 
_refine_ls_shell.number_reflns_R_work             415 
_refine_ls_shell.R_factor_all                     ? 
_refine_ls_shell.R_factor_R_work                  0.253 
_refine_ls_shell.R_factor_R_free                  0.288 
_refine_ls_shell.percent_reflns_R_free            ? 
_refine_ls_shell.number_reflns_R_free             14 
_refine_ls_shell.R_factor_R_free_error            ? 
_refine_ls_shell.number_reflns_all                ? 
_refine_ls_shell.number_reflns_obs                429 
_refine_ls_shell.redundancy_reflns_obs            ? 
_refine_ls_shell.pdbx_refine_id                   'X-RAY DIFFRACTION' 
# 
_struct.entry_id                  2PST 
_struct.title                     '1.8A Crystal Structure of the PA2412 protein from Pseudomonas aeruginosa' 
_struct.pdbx_model_details        ? 
_struct.pdbx_CASP_flag            ? 
_struct.pdbx_model_type_details   ? 
# 
_struct_keywords.entry_id        2PST 
_struct_keywords.pdbx_keywords   'UNKNOWN FUNCTION' 
_struct_keywords.text            
'Pyoverdine synthesis, Non-ribosomal peptide synthesis clusters, MbtH-like family, COG3251, UNKNOWN FUNCTION' 
# 
loop_
_struct_asym.id 
_struct_asym.pdbx_blank_PDB_chainid_flag 
_struct_asym.pdbx_modified 
_struct_asym.entity_id 
_struct_asym.details 
A N N 1 ? 
B N N 2 ? 
# 
_struct_ref.id                         1 
_struct_ref.db_name                    UNP 
_struct_ref.db_code                    Q9I169_PSEAE 
_struct_ref.pdbx_db_accession          Q9I169 
_struct_ref.entity_id                  1 
_struct_ref.pdbx_seq_one_letter_code   MTSVFDRDDIQFQVVVNHEEQYSIWPEYKEIPQGWRAAGKSGLKKDCLAYIEEVWTDMRPLSLRQHMDKAAG 
_struct_ref.pdbx_align_begin           1 
_struct_ref.pdbx_db_isoform            ? 
# 
_struct_ref_seq.align_id                      1 
_struct_ref_seq.ref_id                        1 
_struct_ref_seq.pdbx_PDB_id_code              2PST 
_struct_ref_seq.pdbx_strand_id                X 
_struct_ref_seq.seq_align_beg                 3 
_struct_ref_seq.pdbx_seq_align_beg_ins_code   ? 
_struct_ref_seq.seq_align_end                 74 
_struct_ref_seq.pdbx_seq_align_end_ins_code   ? 
_struct_ref_seq.pdbx_db_accession             Q9I169 
_struct_ref_seq.db_align_beg                  1 
_struct_ref_seq.pdbx_db_align_beg_ins_code    ? 
_struct_ref_seq.db_align_end                  72 
_struct_ref_seq.pdbx_db_align_end_ins_code    ? 
_struct_ref_seq.pdbx_auth_seq_align_beg       1 
_struct_ref_seq.pdbx_auth_seq_align_end       72 
# 
loop_
_struct_ref_seq_dif.align_id 
_struct_ref_seq_dif.pdbx_pdb_id_code 
_struct_ref_seq_dif.mon_id 
_struct_ref_seq_dif.pdbx_pdb_strand_id 
_struct_ref_seq_dif.seq_num 
_struct_ref_seq_dif.pdbx_pdb_ins_code 
_struct_ref_seq_dif.pdbx_seq_db_name 
_struct_ref_seq_dif.pdbx_seq_db_accession_code 
_struct_ref_seq_dif.db_mon_id 
_struct_ref_seq_dif.pdbx_seq_db_seq_num 
_struct_ref_seq_dif.details 
_struct_ref_seq_dif.pdbx_auth_seq_num 
_struct_ref_seq_dif.pdbx_ordinal 
1 2PST GLY X 1 ? UNP Q9I169 ? ? 'cloning artifact' -1 1 
1 2PST HIS X 2 ? UNP Q9I169 ? ? 'cloning artifact' 0  2 
# 
_pdbx_struct_assembly.id                   1 
_pdbx_struct_assembly.details              author_defined_assembly 
_pdbx_struct_assembly.method_details       ? 
_pdbx_struct_assembly.oligomeric_details   monomeric 
_pdbx_struct_assembly.oligomeric_count     1 
# 
_pdbx_struct_assembly_gen.assembly_id       1 
_pdbx_struct_assembly_gen.oper_expression   1 
_pdbx_struct_assembly_gen.asym_id_list      A,B 
# 
_pdbx_struct_oper_list.id                   1 
_pdbx_struct_oper_list.type                 'identity operation' 
_pdbx_struct_oper_list.name                 1_555 
_pdbx_struct_oper_list.symmetry_operation   x,y,z 
_pdbx_struct_oper_list.matrix[1][1]         1.0000000000 
_pdbx_struct_oper_list.matrix[1][2]         0.0000000000 
_pdbx_struct_oper_list.matrix[1][3]         0.0000000000 
_pdbx_struct_oper_list.vector[1]            0.0000000000 
_pdbx_struct_oper_list.matrix[2][1]         0.0000000000 
_pdbx_struct_oper_list.matrix[2][2]         1.0000000000 
_pdbx_struct_oper_list.matrix[2][3]         0.0000000000 
_pdbx_struct_oper_list.vector[2]            0.0000000000 
_pdbx_struct_oper_list.matrix[3][1]         0.0000000000 
_pdbx_struct_oper_list.matrix[3][2]         0.0000000000 
_pdbx_struct_oper_list.matrix[3][3]         1.0000000000 
_pdbx_struct_oper_list.vector[3]            0.0000000000 
# 
_struct_biol.id   1 
# 
loop_
_struct_conf.conf_type_id 
_struct_conf.id 
_struct_conf.pdbx_PDB_helix_id 
_struct_conf.beg_label_comp_id 
_struct_conf.beg_label_asym_id 
_struct_conf.beg_label_seq_id 
_struct_conf.pdbx_beg_PDB_ins_code 
_struct_conf.end_label_comp_id 
_struct_conf.end_label_asym_id 
_struct_conf.end_label_seq_id 
_struct_conf.pdbx_end_PDB_ins_code 
_struct_conf.beg_auth_comp_id 
_struct_conf.beg_auth_asym_id 
_struct_conf.beg_auth_seq_id 
_struct_conf.end_auth_comp_id 
_struct_conf.end_auth_asym_id 
_struct_conf.end_auth_seq_id 
_struct_conf.pdbx_PDB_helix_class 
_struct_conf.details 
_struct_conf.pdbx_PDB_helix_length 
HELX_P HELX_P1 1 LEU A 45 ? TRP A 57 ? LEU X 43 TRP X 55 1 ? 13 
HELX_P HELX_P2 2 PRO A 62 ? ASP A 70 ? PRO X 60 ASP X 68 1 ? 9  
# 
_struct_conf_type.id          HELX_P 
_struct_conf_type.criteria    ? 
_struct_conf_type.reference   ? 
# 
_struct_sheet.id               A 
_struct_sheet.type             ? 
_struct_sheet.number_strands   3 
_struct_sheet.details          ? 
# 
loop_
_struct_sheet_order.sheet_id 
_struct_sheet_order.range_id_1 
_struct_sheet_order.range_id_2 
_struct_sheet_order.offset 
_struct_sheet_order.sense 
A 1 2 ? anti-parallel 
A 2 3 ? anti-parallel 
# 
loop_
_struct_sheet_range.sheet_id 
_struct_sheet_range.id 
_struct_sheet_range.beg_label_comp_id 
_struct_sheet_range.beg_label_asym_id 
_struct_sheet_range.beg_label_seq_id 
_struct_sheet_range.pdbx_beg_PDB_ins_code 
_struct_sheet_range.end_label_comp_id 
_struct_sheet_range.end_label_asym_id 
_struct_sheet_range.end_label_seq_id 
_struct_sheet_range.pdbx_end_PDB_ins_code 
_struct_sheet_range.beg_auth_comp_id 
_struct_sheet_range.beg_auth_asym_id 
_struct_sheet_range.beg_auth_seq_id 
_struct_sheet_range.end_auth_comp_id 
_struct_sheet_range.end_auth_asym_id 
_struct_sheet_range.end_auth_seq_id 
A 1 TYR A 24 ? PRO A 28 ? TYR X 22 PRO X 26 
A 2 PHE A 14 ? ASN A 19 ? PHE X 12 ASN X 17 
A 3 TRP A 37 ? GLY A 44 ? TRP X 35 GLY X 42 
# 
loop_
_pdbx_struct_sheet_hbond.sheet_id 
_pdbx_struct_sheet_hbond.range_id_1 
_pdbx_struct_sheet_hbond.range_id_2 
_pdbx_struct_sheet_hbond.range_1_label_atom_id 
_pdbx_struct_sheet_hbond.range_1_label_comp_id 
_pdbx_struct_sheet_hbond.range_1_label_asym_id 
_pdbx_struct_sheet_hbond.range_1_label_seq_id 
_pdbx_struct_sheet_hbond.range_1_PDB_ins_code 
_pdbx_struct_sheet_hbond.range_1_auth_atom_id 
_pdbx_struct_sheet_hbond.range_1_auth_comp_id 
_pdbx_struct_sheet_hbond.range_1_auth_asym_id 
_pdbx_struct_sheet_hbond.range_1_auth_seq_id 
_pdbx_struct_sheet_hbond.range_2_label_atom_id 
_pdbx_struct_sheet_hbond.range_2_label_comp_id 
_pdbx_struct_sheet_hbond.range_2_label_asym_id 
_pdbx_struct_sheet_hbond.range_2_label_seq_id 
_pdbx_struct_sheet_hbond.range_2_PDB_ins_code 
_pdbx_struct_sheet_hbond.range_2_auth_atom_id 
_pdbx_struct_sheet_hbond.range_2_auth_comp_id 
_pdbx_struct_sheet_hbond.range_2_auth_asym_id 
_pdbx_struct_sheet_hbond.range_2_auth_seq_id 
A 1 2 O TRP A 27 ? O TRP X 25 N GLN A 15 ? N GLN X 13 
A 2 3 N PHE A 14 ? N PHE X 12 O GLY A 44 ? O GLY X 42 
# 
_pdbx_validate_torsion.id              1 
_pdbx_validate_torsion.PDB_model_num   1 
_pdbx_validate_torsion.auth_comp_id    ASP 
_pdbx_validate_torsion.auth_asym_id    X 
_pdbx_validate_torsion.auth_seq_id     9 
_pdbx_validate_torsion.PDB_ins_code    ? 
_pdbx_validate_torsion.label_alt_id    ? 
_pdbx_validate_torsion.phi             -172.34 
_pdbx_validate_torsion.psi             -15.73 
# 
loop_
_diffrn_reflns.diffrn_id 
_diffrn_reflns.pdbx_d_res_high 
_diffrn_reflns.pdbx_d_res_low 
_diffrn_reflns.pdbx_number_obs 
_diffrn_reflns.pdbx_Rmerge_I_obs 
_diffrn_reflns.pdbx_Rsym_value 
_diffrn_reflns.pdbx_chi_squared 
_diffrn_reflns.av_sigmaI_over_netI 
_diffrn_reflns.pdbx_redundancy 
_diffrn_reflns.pdbx_percent_possible_obs 
_diffrn_reflns.number 
_diffrn_reflns.pdbx_observed_criterion 
_diffrn_reflns.limit_h_max 
_diffrn_reflns.limit_h_min 
_diffrn_reflns.limit_k_max 
_diffrn_reflns.limit_k_min 
_diffrn_reflns.limit_l_max 
_diffrn_reflns.limit_l_min 
1 1.900 25.000 6914 0.078 ? 4.18 15.10 4.60 99.90 31594 ? ? ? ? ? ? ? 
2 1.900 25.000 6917 0.043 ? 1.69 21.60 4.50 99.90 31362 ? ? ? ? ? ? ? 
3 1.900 25.000 6916 0.056 ? 2.85 19.90 4.70 99.90 32293 ? ? ? ? ? ? ? 
# 
loop_
_pdbx_diffrn_reflns_shell.diffrn_id 
_pdbx_diffrn_reflns_shell.d_res_high 
_pdbx_diffrn_reflns_shell.d_res_low 
_pdbx_diffrn_reflns_shell.number_obs 
_pdbx_diffrn_reflns_shell.rejects 
_pdbx_diffrn_reflns_shell.Rmerge_I_obs 
_pdbx_diffrn_reflns_shell.Rsym_value 
_pdbx_diffrn_reflns_shell.chi_squared 
_pdbx_diffrn_reflns_shell.redundancy 
_pdbx_diffrn_reflns_shell.percent_possible_obs 
1 4.09 25.00 ? ? 0.067 ? 10.180 4.50 99.20  
1 3.25 4.09  ? ? 0.065 ? 6.685  4.70 99.70  
1 2.84 3.25  ? ? 0.078 ? 5.512  4.80 100.00 
1 2.58 2.84  ? ? 0.093 ? 4.720  4.80 100.00 
1 2.39 2.58  ? ? 0.100 ? 3.776  4.70 100.00 
1 2.25 2.39  ? ? 0.098 ? 2.797  4.60 100.00 
1 2.14 2.25  ? ? 0.106 ? 2.569  4.50 100.00 
1 2.05 2.14  ? ? 0.107 ? 1.673  4.40 100.00 
1 1.97 2.05  ? ? 0.120 ? 1.619  4.40 99.90  
1 1.90 1.97  ? ? 0.141 ? 1.240  4.30 99.90  
2 4.09 25.00 ? ? 0.034 ? 2.515  4.50 99.60  
2 3.25 4.09  ? ? 0.035 ? 2.079  4.70 99.70  
2 2.84 3.25  ? ? 0.040 ? 1.896  4.70 100.00 
2 2.58 2.84  ? ? 0.048 ? 1.814  4.70 100.00 
2 2.39 2.58  ? ? 0.057 ? 1.696  4.70 100.00 
2 2.25 2.39  ? ? 0.061 ? 1.550  4.50 100.00 
2 2.14 2.25  ? ? 0.069 ? 1.516  4.50 100.00 
2 2.05 2.14  ? ? 0.078 ? 1.368  4.40 100.00 
2 1.97 2.05  ? ? 0.088 ? 1.187  4.30 99.90  
2 1.90 1.97  ? ? 0.113 ? 1.144  4.30 99.90  
3 4.09 25.00 ? ? 0.045 ? 7.178  4.60 99.50  
3 3.25 4.09  ? ? 0.045 ? 3.750  4.80 99.70  
3 2.84 3.25  ? ? 0.056 ? 3.262  4.90 100.00 
3 2.58 2.84  ? ? 0.065 ? 2.952  4.90 100.00 
3 2.39 2.58  ? ? 0.073 ? 2.527  4.80 100.00 
3 2.25 2.39  ? ? 0.077 ? 2.097  4.70 100.00 
3 2.14 2.25  ? ? 0.085 ? 1.874  4.60 99.90  
3 2.05 2.14  ? ? 0.099 ? 1.626  4.50 100.00 
3 1.97 2.05  ? ? 0.105 ? 1.367  4.50 100.00 
3 1.90 1.97  ? ? 0.141 ? 1.306  4.40 99.90  
# 
_pdbx_refine_tls.id               1 
_pdbx_refine_tls.details          ? 
_pdbx_refine_tls.method           refined 
_pdbx_refine_tls.origin_x         0.2434 
_pdbx_refine_tls.origin_y         0.2509 
_pdbx_refine_tls.origin_z         0.0095 
_pdbx_refine_tls.T[1][1]          -0.0841 
_pdbx_refine_tls.T[2][2]          -0.0393 
_pdbx_refine_tls.T[3][3]          -0.0698 
_pdbx_refine_tls.T[1][2]          -0.0172 
_pdbx_refine_tls.T[1][3]          0.0060 
_pdbx_refine_tls.T[2][3]          0.0070 
_pdbx_refine_tls.L[1][1]          5.6245 
_pdbx_refine_tls.L[2][2]          1.1931 
_pdbx_refine_tls.L[3][3]          0.3225 
_pdbx_refine_tls.L[1][2]          1.5866 
_pdbx_refine_tls.L[1][3]          0.0198 
_pdbx_refine_tls.L[2][3]          -0.1947 
_pdbx_refine_tls.S[1][1]          0.0180 
_pdbx_refine_tls.S[2][2]          -0.0106 
_pdbx_refine_tls.S[3][3]          -0.0074 
_pdbx_refine_tls.S[1][2]          -0.0080 
_pdbx_refine_tls.S[1][3]          0.1749 
_pdbx_refine_tls.S[2][3]          0.0584 
_pdbx_refine_tls.S[2][1]          0.0557 
_pdbx_refine_tls.S[3][1]          0.0574 
_pdbx_refine_tls.S[3][2]          -0.0419 
_pdbx_refine_tls.pdbx_refine_id   'X-RAY DIFFRACTION' 
# 
_pdbx_refine_tls_group.id                  1 
_pdbx_refine_tls_group.refine_tls_id       1 
_pdbx_refine_tls_group.beg_label_asym_id   A 
_pdbx_refine_tls_group.beg_label_seq_id    10 
_pdbx_refine_tls_group.end_label_asym_id   A 
_pdbx_refine_tls_group.end_label_seq_id    70 
_pdbx_refine_tls_group.selection           ? 
_pdbx_refine_tls_group.beg_auth_asym_id    X 
_pdbx_refine_tls_group.beg_auth_seq_id     8 
_pdbx_refine_tls_group.end_auth_asym_id    X 
_pdbx_refine_tls_group.end_auth_seq_id     68 
_pdbx_refine_tls_group.pdbx_refine_id      'X-RAY DIFFRACTION' 
_pdbx_refine_tls_group.selection_details   ? 
# 
loop_
_pdbx_unobs_or_zero_occ_residues.id 
_pdbx_unobs_or_zero_occ_residues.PDB_model_num 
_pdbx_unobs_or_zero_occ_residues.polymer_flag 
_pdbx_unobs_or_zero_occ_residues.occupancy_flag 
_pdbx_unobs_or_zero_occ_residues.auth_asym_id 
_pdbx_unobs_or_zero_occ_residues.auth_comp_id 
_pdbx_unobs_or_zero_occ_residues.auth_seq_id 
_pdbx_unobs_or_zero_occ_residues.PDB_ins_code 
_pdbx_unobs_or_zero_occ_residues.label_asym_id 
_pdbx_unobs_or_zero_occ_residues.label_comp_id 
_pdbx_unobs_or_zero_occ_residues.label_seq_id 
1  1 Y 1 X GLY -1 ? A GLY 1  
2  1 Y 1 X HIS 0  ? A HIS 2  
3  1 Y 1 X MET 1  ? A MET 3  
4  1 Y 1 X THR 2  ? A THR 4  
5  1 Y 1 X SER 3  ? A SER 5  
6  1 Y 1 X VAL 4  ? A VAL 6  
7  1 Y 1 X PHE 5  ? A PHE 7  
8  1 Y 1 X ASP 6  ? A ASP 8  
9  1 Y 1 X ARG 7  ? A ARG 9  
10 1 Y 1 X LYS 69 ? A LYS 71 
11 1 Y 1 X ALA 70 ? A ALA 72 
12 1 Y 1 X ALA 71 ? A ALA 73 
13 1 Y 1 X GLY 72 ? A GLY 74 
# 
loop_
_chem_comp_atom.comp_id 
_chem_comp_atom.atom_id 
_chem_comp_atom.type_symbol 
_chem_comp_atom.pdbx_aromatic_flag 
_chem_comp_atom.pdbx_stereo_config 
_chem_comp_atom.pdbx_ordinal 
ALA N    N N N 1   
ALA CA   C N S 2   
ALA C    C N N 3   
ALA O    O N N 4   
ALA CB   C N N 5   
ALA OXT  O N N 6   
ALA H    H N N 7   
ALA H2   H N N 8   
ALA HA   H N N 9   
ALA HB1  H N N 10  
ALA HB2  H N N 11  
ALA HB3  H N N 12  
ALA HXT  H N N 13  
ARG N    N N N 14  
ARG CA   C N S 15  
ARG C    C N N 16  
ARG O    O N N 17  
ARG CB   C N N 18  
ARG CG   C N N 19  
ARG CD   C N N 20  
ARG NE   N N N 21  
ARG CZ   C N N 22  
ARG NH1  N N N 23  
ARG NH2  N N N 24  
ARG OXT  O N N 25  
ARG H    H N N 26  
ARG H2   H N N 27  
ARG HA   H N N 28  
ARG HB2  H N N 29  
ARG HB3  H N N 30  
ARG HG2  H N N 31  
ARG HG3  H N N 32  
ARG HD2  H N N 33  
ARG HD3  H N N 34  
ARG HE   H N N 35  
ARG HH11 H N N 36  
ARG HH12 H N N 37  
ARG HH21 H N N 38  
ARG HH22 H N N 39  
ARG HXT  H N N 40  
ASN N    N N N 41  
ASN CA   C N S 42  
ASN C    C N N 43  
ASN O    O N N 44  
ASN CB   C N N 45  
ASN CG   C N N 46  
ASN OD1  O N N 47  
ASN ND2  N N N 48  
ASN OXT  O N N 49  
ASN H    H N N 50  
ASN H2   H N N 51  
ASN HA   H N N 52  
ASN HB2  H N N 53  
ASN HB3  H N N 54  
ASN HD21 H N N 55  
ASN HD22 H N N 56  
ASN HXT  H N N 57  
ASP N    N N N 58  
ASP CA   C N S 59  
ASP C    C N N 60  
ASP O    O N N 61  
ASP CB   C N N 62  
ASP CG   C N N 63  
ASP OD1  O N N 64  
ASP OD2  O N N 65  
ASP OXT  O N N 66  
ASP H    H N N 67  
ASP H2   H N N 68  
ASP HA   H N N 69  
ASP HB2  H N N 70  
ASP HB3  H N N 71  
ASP HD2  H N N 72  
ASP HXT  H N N 73  
CYS N    N N N 74  
CYS CA   C N R 75  
CYS C    C N N 76  
CYS O    O N N 77  
CYS CB   C N N 78  
CYS SG   S N N 79  
CYS OXT  O N N 80  
CYS H    H N N 81  
CYS H2   H N N 82  
CYS HA   H N N 83  
CYS HB2  H N N 84  
CYS HB3  H N N 85  
CYS HG   H N N 86  
CYS HXT  H N N 87  
GLN N    N N N 88  
GLN CA   C N S 89  
GLN C    C N N 90  
GLN O    O N N 91  
GLN CB   C N N 92  
GLN CG   C N N 93  
GLN CD   C N N 94  
GLN OE1  O N N 95  
GLN NE2  N N N 96  
GLN OXT  O N N 97  
GLN H    H N N 98  
GLN H2   H N N 99  
GLN HA   H N N 100 
GLN HB2  H N N 101 
GLN HB3  H N N 102 
GLN HG2  H N N 103 
GLN HG3  H N N 104 
GLN HE21 H N N 105 
GLN HE22 H N N 106 
GLN HXT  H N N 107 
GLU N    N N N 108 
GLU CA   C N S 109 
GLU C    C N N 110 
GLU O    O N N 111 
GLU CB   C N N 112 
GLU CG   C N N 113 
GLU CD   C N N 114 
GLU OE1  O N N 115 
GLU OE2  O N N 116 
GLU OXT  O N N 117 
GLU H    H N N 118 
GLU H2   H N N 119 
GLU HA   H N N 120 
GLU HB2  H N N 121 
GLU HB3  H N N 122 
GLU HG2  H N N 123 
GLU HG3  H N N 124 
GLU HE2  H N N 125 
GLU HXT  H N N 126 
GLY N    N N N 127 
GLY CA   C N N 128 
GLY C    C N N 129 
GLY O    O N N 130 
GLY OXT  O N N 131 
GLY H    H N N 132 
GLY H2   H N N 133 
GLY HA2  H N N 134 
GLY HA3  H N N 135 
GLY HXT  H N N 136 
HIS N    N N N 137 
HIS CA   C N S 138 
HIS C    C N N 139 
HIS O    O N N 140 
HIS CB   C N N 141 
HIS CG   C Y N 142 
HIS ND1  N Y N 143 
HIS CD2  C Y N 144 
HIS CE1  C Y N 145 
HIS NE2  N Y N 146 
HIS OXT  O N N 147 
HIS H    H N N 148 
HIS H2   H N N 149 
HIS HA   H N N 150 
HIS HB2  H N N 151 
HIS HB3  H N N 152 
HIS HD1  H N N 153 
HIS HD2  H N N 154 
HIS HE1  H N N 155 
HIS HE2  H N N 156 
HIS HXT  H N N 157 
HOH O    O N N 158 
HOH H1   H N N 159 
HOH H2   H N N 160 
ILE N    N N N 161 
ILE CA   C N S 162 
ILE C    C N N 163 
ILE O    O N N 164 
ILE CB   C N S 165 
ILE CG1  C N N 166 
ILE CG2  C N N 167 
ILE CD1  C N N 168 
ILE OXT  O N N 169 
ILE H    H N N 170 
ILE H2   H N N 171 
ILE HA   H N N 172 
ILE HB   H N N 173 
ILE HG12 H N N 174 
ILE HG13 H N N 175 
ILE HG21 H N N 176 
ILE HG22 H N N 177 
ILE HG23 H N N 178 
ILE HD11 H N N 179 
ILE HD12 H N N 180 
ILE HD13 H N N 181 
ILE HXT  H N N 182 
LEU N    N N N 183 
LEU CA   C N S 184 
LEU C    C N N 185 
LEU O    O N N 186 
LEU CB   C N N 187 
LEU CG   C N N 188 
LEU CD1  C N N 189 
LEU CD2  C N N 190 
LEU OXT  O N N 191 
LEU H    H N N 192 
LEU H2   H N N 193 
LEU HA   H N N 194 
LEU HB2  H N N 195 
LEU HB3  H N N 196 
LEU HG   H N N 197 
LEU HD11 H N N 198 
LEU HD12 H N N 199 
LEU HD13 H N N 200 
LEU HD21 H N N 201 
LEU HD22 H N N 202 
LEU HD23 H N N 203 
LEU HXT  H N N 204 
LYS N    N N N 205 
LYS CA   C N S 206 
LYS C    C N N 207 
LYS O    O N N 208 
LYS CB   C N N 209 
LYS CG   C N N 210 
LYS CD   C N N 211 
LYS CE   C N N 212 
LYS NZ   N N N 213 
LYS OXT  O N N 214 
LYS H    H N N 215 
LYS H2   H N N 216 
LYS HA   H N N 217 
LYS HB2  H N N 218 
LYS HB3  H N N 219 
LYS HG2  H N N 220 
LYS HG3  H N N 221 
LYS HD2  H N N 222 
LYS HD3  H N N 223 
LYS HE2  H N N 224 
LYS HE3  H N N 225 
LYS HZ1  H N N 226 
LYS HZ2  H N N 227 
LYS HZ3  H N N 228 
LYS HXT  H N N 229 
MET N    N N N 230 
MET CA   C N S 231 
MET C    C N N 232 
MET O    O N N 233 
MET CB   C N N 234 
MET CG   C N N 235 
MET SD   S N N 236 
MET CE   C N N 237 
MET OXT  O N N 238 
MET H    H N N 239 
MET H2   H N N 240 
MET HA   H N N 241 
MET HB2  H N N 242 
MET HB3  H N N 243 
MET HG2  H N N 244 
MET HG3  H N N 245 
MET HE1  H N N 246 
MET HE2  H N N 247 
MET HE3  H N N 248 
MET HXT  H N N 249 
PHE N    N N N 250 
PHE CA   C N S 251 
PHE C    C N N 252 
PHE O    O N N 253 
PHE CB   C N N 254 
PHE CG   C Y N 255 
PHE CD1  C Y N 256 
PHE CD2  C Y N 257 
PHE CE1  C Y N 258 
PHE CE2  C Y N 259 
PHE CZ   C Y N 260 
PHE OXT  O N N 261 
PHE H    H N N 262 
PHE H2   H N N 263 
PHE HA   H N N 264 
PHE HB2  H N N 265 
PHE HB3  H N N 266 
PHE HD1  H N N 267 
PHE HD2  H N N 268 
PHE HE1  H N N 269 
PHE HE2  H N N 270 
PHE HZ   H N N 271 
PHE HXT  H N N 272 
PRO N    N N N 273 
PRO CA   C N S 274 
PRO C    C N N 275 
PRO O    O N N 276 
PRO CB   C N N 277 
PRO CG   C N N 278 
PRO CD   C N N 279 
PRO OXT  O N N 280 
PRO H    H N N 281 
PRO HA   H N N 282 
PRO HB2  H N N 283 
PRO HB3  H N N 284 
PRO HG2  H N N 285 
PRO HG3  H N N 286 
PRO HD2  H N N 287 
PRO HD3  H N N 288 
PRO HXT  H N N 289 
SER N    N N N 290 
SER CA   C N S 291 
SER C    C N N 292 
SER O    O N N 293 
SER CB   C N N 294 
SER OG   O N N 295 
SER OXT  O N N 296 
SER H    H N N 297 
SER H2   H N N 298 
SER HA   H N N 299 
SER HB2  H N N 300 
SER HB3  H N N 301 
SER HG   H N N 302 
SER HXT  H N N 303 
THR N    N N N 304 
THR CA   C N S 305 
THR C    C N N 306 
THR O    O N N 307 
THR CB   C N R 308 
THR OG1  O N N 309 
THR CG2  C N N 310 
THR OXT  O N N 311 
THR H    H N N 312 
THR H2   H N N 313 
THR HA   H N N 314 
THR HB   H N N 315 
THR HG1  H N N 316 
THR HG21 H N N 317 
THR HG22 H N N 318 
THR HG23 H N N 319 
THR HXT  H N N 320 
TRP N    N N N 321 
TRP CA   C N S 322 
TRP C    C N N 323 
TRP O    O N N 324 
TRP CB   C N N 325 
TRP CG   C Y N 326 
TRP CD1  C Y N 327 
TRP CD2  C Y N 328 
TRP NE1  N Y N 329 
TRP CE2  C Y N 330 
TRP CE3  C Y N 331 
TRP CZ2  C Y N 332 
TRP CZ3  C Y N 333 
TRP CH2  C Y N 334 
TRP OXT  O N N 335 
TRP H    H N N 336 
TRP H2   H N N 337 
TRP HA   H N N 338 
TRP HB2  H N N 339 
TRP HB3  H N N 340 
TRP HD1  H N N 341 
TRP HE1  H N N 342 
TRP HE3  H N N 343 
TRP HZ2  H N N 344 
TRP HZ3  H N N 345 
TRP HH2  H N N 346 
TRP HXT  H N N 347 
TYR N    N N N 348 
TYR CA   C N S 349 
TYR C    C N N 350 
TYR O    O N N 351 
TYR CB   C N N 352 
TYR CG   C Y N 353 
TYR CD1  C Y N 354 
TYR CD2  C Y N 355 
TYR CE1  C Y N 356 
TYR CE2  C Y N 357 
TYR CZ   C Y N 358 
TYR OH   O N N 359 
TYR OXT  O N N 360 
TYR H    H N N 361 
TYR H2   H N N 362 
TYR HA   H N N 363 
TYR HB2  H N N 364 
TYR HB3  H N N 365 
TYR HD1  H N N 366 
TYR HD2  H N N 367 
TYR HE1  H N N 368 
TYR HE2  H N N 369 
TYR HH   H N N 370 
TYR HXT  H N N 371 
VAL N    N N N 372 
VAL CA   C N S 373 
VAL C    C N N 374 
VAL O    O N N 375 
VAL CB   C N N 376 
VAL CG1  C N N 377 
VAL CG2  C N N 378 
VAL OXT  O N N 379 
VAL H    H N N 380 
VAL H2   H N N 381 
VAL HA   H N N 382 
VAL HB   H N N 383 
VAL HG11 H N N 384 
VAL HG12 H N N 385 
VAL HG13 H N N 386 
VAL HG21 H N N 387 
VAL HG22 H N N 388 
VAL HG23 H N N 389 
VAL HXT  H N N 390 
# 
loop_
_chem_comp_bond.comp_id 
_chem_comp_bond.atom_id_1 
_chem_comp_bond.atom_id_2 
_chem_comp_bond.value_order 
_chem_comp_bond.pdbx_aromatic_flag 
_chem_comp_bond.pdbx_stereo_config 
_chem_comp_bond.pdbx_ordinal 
ALA N   CA   sing N N 1   
ALA N   H    sing N N 2   
ALA N   H2   sing N N 3   
ALA CA  C    sing N N 4   
ALA CA  CB   sing N N 5   
ALA CA  HA   sing N N 6   
ALA C   O    doub N N 7   
ALA C   OXT  sing N N 8   
ALA CB  HB1  sing N N 9   
ALA CB  HB2  sing N N 10  
ALA CB  HB3  sing N N 11  
ALA OXT HXT  sing N N 12  
ARG N   CA   sing N N 13  
ARG N   H    sing N N 14  
ARG N   H2   sing N N 15  
ARG CA  C    sing N N 16  
ARG CA  CB   sing N N 17  
ARG CA  HA   sing N N 18  
ARG C   O    doub N N 19  
ARG C   OXT  sing N N 20  
ARG CB  CG   sing N N 21  
ARG CB  HB2  sing N N 22  
ARG CB  HB3  sing N N 23  
ARG CG  CD   sing N N 24  
ARG CG  HG2  sing N N 25  
ARG CG  HG3  sing N N 26  
ARG CD  NE   sing N N 27  
ARG CD  HD2  sing N N 28  
ARG CD  HD3  sing N N 29  
ARG NE  CZ   sing N N 30  
ARG NE  HE   sing N N 31  
ARG CZ  NH1  sing N N 32  
ARG CZ  NH2  doub N N 33  
ARG NH1 HH11 sing N N 34  
ARG NH1 HH12 sing N N 35  
ARG NH2 HH21 sing N N 36  
ARG NH2 HH22 sing N N 37  
ARG OXT HXT  sing N N 38  
ASN N   CA   sing N N 39  
ASN N   H    sing N N 40  
ASN N   H2   sing N N 41  
ASN CA  C    sing N N 42  
ASN CA  CB   sing N N 43  
ASN CA  HA   sing N N 44  
ASN C   O    doub N N 45  
ASN C   OXT  sing N N 46  
ASN CB  CG   sing N N 47  
ASN CB  HB2  sing N N 48  
ASN CB  HB3  sing N N 49  
ASN CG  OD1  doub N N 50  
ASN CG  ND2  sing N N 51  
ASN ND2 HD21 sing N N 52  
ASN ND2 HD22 sing N N 53  
ASN OXT HXT  sing N N 54  
ASP N   CA   sing N N 55  
ASP N   H    sing N N 56  
ASP N   H2   sing N N 57  
ASP CA  C    sing N N 58  
ASP CA  CB   sing N N 59  
ASP CA  HA   sing N N 60  
ASP C   O    doub N N 61  
ASP C   OXT  sing N N 62  
ASP CB  CG   sing N N 63  
ASP CB  HB2  sing N N 64  
ASP CB  HB3  sing N N 65  
ASP CG  OD1  doub N N 66  
ASP CG  OD2  sing N N 67  
ASP OD2 HD2  sing N N 68  
ASP OXT HXT  sing N N 69  
CYS N   CA   sing N N 70  
CYS N   H    sing N N 71  
CYS N   H2   sing N N 72  
CYS CA  C    sing N N 73  
CYS CA  CB   sing N N 74  
CYS CA  HA   sing N N 75  
CYS C   O    doub N N 76  
CYS C   OXT  sing N N 77  
CYS CB  SG   sing N N 78  
CYS CB  HB2  sing N N 79  
CYS CB  HB3  sing N N 80  
CYS SG  HG   sing N N 81  
CYS OXT HXT  sing N N 82  
GLN N   CA   sing N N 83  
GLN N   H    sing N N 84  
GLN N   H2   sing N N 85  
GLN CA  C    sing N N 86  
GLN CA  CB   sing N N 87  
GLN CA  HA   sing N N 88  
GLN C   O    doub N N 89  
GLN C   OXT  sing N N 90  
GLN CB  CG   sing N N 91  
GLN CB  HB2  sing N N 92  
GLN CB  HB3  sing N N 93  
GLN CG  CD   sing N N 94  
GLN CG  HG2  sing N N 95  
GLN CG  HG3  sing N N 96  
GLN CD  OE1  doub N N 97  
GLN CD  NE2  sing N N 98  
GLN NE2 HE21 sing N N 99  
GLN NE2 HE22 sing N N 100 
GLN OXT HXT  sing N N 101 
GLU N   CA   sing N N 102 
GLU N   H    sing N N 103 
GLU N   H2   sing N N 104 
GLU CA  C    sing N N 105 
GLU CA  CB   sing N N 106 
GLU CA  HA   sing N N 107 
GLU C   O    doub N N 108 
GLU C   OXT  sing N N 109 
GLU CB  CG   sing N N 110 
GLU CB  HB2  sing N N 111 
GLU CB  HB3  sing N N 112 
GLU CG  CD   sing N N 113 
GLU CG  HG2  sing N N 114 
GLU CG  HG3  sing N N 115 
GLU CD  OE1  doub N N 116 
GLU CD  OE2  sing N N 117 
GLU OE2 HE2  sing N N 118 
GLU OXT HXT  sing N N 119 
GLY N   CA   sing N N 120 
GLY N   H    sing N N 121 
GLY N   H2   sing N N 122 
GLY CA  C    sing N N 123 
GLY CA  HA2  sing N N 124 
GLY CA  HA3  sing N N 125 
GLY C   O    doub N N 126 
GLY C   OXT  sing N N 127 
GLY OXT HXT  sing N N 128 
HIS N   CA   sing N N 129 
HIS N   H    sing N N 130 
HIS N   H2   sing N N 131 
HIS CA  C    sing N N 132 
HIS CA  CB   sing N N 133 
HIS CA  HA   sing N N 134 
HIS C   O    doub N N 135 
HIS C   OXT  sing N N 136 
HIS CB  CG   sing N N 137 
HIS CB  HB2  sing N N 138 
HIS CB  HB3  sing N N 139 
HIS CG  ND1  sing Y N 140 
HIS CG  CD2  doub Y N 141 
HIS ND1 CE1  doub Y N 142 
HIS ND1 HD1  sing N N 143 
HIS CD2 NE2  sing Y N 144 
HIS CD2 HD2  sing N N 145 
HIS CE1 NE2  sing Y N 146 
HIS CE1 HE1  sing N N 147 
HIS NE2 HE2  sing N N 148 
HIS OXT HXT  sing N N 149 
HOH O   H1   sing N N 150 
HOH O   H2   sing N N 151 
ILE N   CA   sing N N 152 
ILE N   H    sing N N 153 
ILE N   H2   sing N N 154 
ILE CA  C    sing N N 155 
ILE CA  CB   sing N N 156 
ILE CA  HA   sing N N 157 
ILE C   O    doub N N 158 
ILE C   OXT  sing N N 159 
ILE CB  CG1  sing N N 160 
ILE CB  CG2  sing N N 161 
ILE CB  HB   sing N N 162 
ILE CG1 CD1  sing N N 163 
ILE CG1 HG12 sing N N 164 
ILE CG1 HG13 sing N N 165 
ILE CG2 HG21 sing N N 166 
ILE CG2 HG22 sing N N 167 
ILE CG2 HG23 sing N N 168 
ILE CD1 HD11 sing N N 169 
ILE CD1 HD12 sing N N 170 
ILE CD1 HD13 sing N N 171 
ILE OXT HXT  sing N N 172 
LEU N   CA   sing N N 173 
LEU N   H    sing N N 174 
LEU N   H2   sing N N 175 
LEU CA  C    sing N N 176 
LEU CA  CB   sing N N 177 
LEU CA  HA   sing N N 178 
LEU C   O    doub N N 179 
LEU C   OXT  sing N N 180 
LEU CB  CG   sing N N 181 
LEU CB  HB2  sing N N 182 
LEU CB  HB3  sing N N 183 
LEU CG  CD1  sing N N 184 
LEU CG  CD2  sing N N 185 
LEU CG  HG   sing N N 186 
LEU CD1 HD11 sing N N 187 
LEU CD1 HD12 sing N N 188 
LEU CD1 HD13 sing N N 189 
LEU CD2 HD21 sing N N 190 
LEU CD2 HD22 sing N N 191 
LEU CD2 HD23 sing N N 192 
LEU OXT HXT  sing N N 193 
LYS N   CA   sing N N 194 
LYS N   H    sing N N 195 
LYS N   H2   sing N N 196 
LYS CA  C    sing N N 197 
LYS CA  CB   sing N N 198 
LYS CA  HA   sing N N 199 
LYS C   O    doub N N 200 
LYS C   OXT  sing N N 201 
LYS CB  CG   sing N N 202 
LYS CB  HB2  sing N N 203 
LYS CB  HB3  sing N N 204 
LYS CG  CD   sing N N 205 
LYS CG  HG2  sing N N 206 
LYS CG  HG3  sing N N 207 
LYS CD  CE   sing N N 208 
LYS CD  HD2  sing N N 209 
LYS CD  HD3  sing N N 210 
LYS CE  NZ   sing N N 211 
LYS CE  HE2  sing N N 212 
LYS CE  HE3  sing N N 213 
LYS NZ  HZ1  sing N N 214 
LYS NZ  HZ2  sing N N 215 
LYS NZ  HZ3  sing N N 216 
LYS OXT HXT  sing N N 217 
MET N   CA   sing N N 218 
MET N   H    sing N N 219 
MET N   H2   sing N N 220 
MET CA  C    sing N N 221 
MET CA  CB   sing N N 222 
MET CA  HA   sing N N 223 
MET C   O    doub N N 224 
MET C   OXT  sing N N 225 
MET CB  CG   sing N N 226 
MET CB  HB2  sing N N 227 
MET CB  HB3  sing N N 228 
MET CG  SD   sing N N 229 
MET CG  HG2  sing N N 230 
MET CG  HG3  sing N N 231 
MET SD  CE   sing N N 232 
MET CE  HE1  sing N N 233 
MET CE  HE2  sing N N 234 
MET CE  HE3  sing N N 235 
MET OXT HXT  sing N N 236 
PHE N   CA   sing N N 237 
PHE N   H    sing N N 238 
PHE N   H2   sing N N 239 
PHE CA  C    sing N N 240 
PHE CA  CB   sing N N 241 
PHE CA  HA   sing N N 242 
PHE C   O    doub N N 243 
PHE C   OXT  sing N N 244 
PHE CB  CG   sing N N 245 
PHE CB  HB2  sing N N 246 
PHE CB  HB3  sing N N 247 
PHE CG  CD1  doub Y N 248 
PHE CG  CD2  sing Y N 249 
PHE CD1 CE1  sing Y N 250 
PHE CD1 HD1  sing N N 251 
PHE CD2 CE2  doub Y N 252 
PHE CD2 HD2  sing N N 253 
PHE CE1 CZ   doub Y N 254 
PHE CE1 HE1  sing N N 255 
PHE CE2 CZ   sing Y N 256 
PHE CE2 HE2  sing N N 257 
PHE CZ  HZ   sing N N 258 
PHE OXT HXT  sing N N 259 
PRO N   CA   sing N N 260 
PRO N   CD   sing N N 261 
PRO N   H    sing N N 262 
PRO CA  C    sing N N 263 
PRO CA  CB   sing N N 264 
PRO CA  HA   sing N N 265 
PRO C   O    doub N N 266 
PRO C   OXT  sing N N 267 
PRO CB  CG   sing N N 268 
PRO CB  HB2  sing N N 269 
PRO CB  HB3  sing N N 270 
PRO CG  CD   sing N N 271 
PRO CG  HG2  sing N N 272 
PRO CG  HG3  sing N N 273 
PRO CD  HD2  sing N N 274 
PRO CD  HD3  sing N N 275 
PRO OXT HXT  sing N N 276 
SER N   CA   sing N N 277 
SER N   H    sing N N 278 
SER N   H2   sing N N 279 
SER CA  C    sing N N 280 
SER CA  CB   sing N N 281 
SER CA  HA   sing N N 282 
SER C   O    doub N N 283 
SER C   OXT  sing N N 284 
SER CB  OG   sing N N 285 
SER CB  HB2  sing N N 286 
SER CB  HB3  sing N N 287 
SER OG  HG   sing N N 288 
SER OXT HXT  sing N N 289 
THR N   CA   sing N N 290 
THR N   H    sing N N 291 
THR N   H2   sing N N 292 
THR CA  C    sing N N 293 
THR CA  CB   sing N N 294 
THR CA  HA   sing N N 295 
THR C   O    doub N N 296 
THR C   OXT  sing N N 297 
THR CB  OG1  sing N N 298 
THR CB  CG2  sing N N 299 
THR CB  HB   sing N N 300 
THR OG1 HG1  sing N N 301 
THR CG2 HG21 sing N N 302 
THR CG2 HG22 sing N N 303 
THR CG2 HG23 sing N N 304 
THR OXT HXT  sing N N 305 
TRP N   CA   sing N N 306 
TRP N   H    sing N N 307 
TRP N   H2   sing N N 308 
TRP CA  C    sing N N 309 
TRP CA  CB   sing N N 310 
TRP CA  HA   sing N N 311 
TRP C   O    doub N N 312 
TRP C   OXT  sing N N 313 
TRP CB  CG   sing N N 314 
TRP CB  HB2  sing N N 315 
TRP CB  HB3  sing N N 316 
TRP CG  CD1  doub Y N 317 
TRP CG  CD2  sing Y N 318 
TRP CD1 NE1  sing Y N 319 
TRP CD1 HD1  sing N N 320 
TRP CD2 CE2  doub Y N 321 
TRP CD2 CE3  sing Y N 322 
TRP NE1 CE2  sing Y N 323 
TRP NE1 HE1  sing N N 324 
TRP CE2 CZ2  sing Y N 325 
TRP CE3 CZ3  doub Y N 326 
TRP CE3 HE3  sing N N 327 
TRP CZ2 CH2  doub Y N 328 
TRP CZ2 HZ2  sing N N 329 
TRP CZ3 CH2  sing Y N 330 
TRP CZ3 HZ3  sing N N 331 
TRP CH2 HH2  sing N N 332 
TRP OXT HXT  sing N N 333 
TYR N   CA   sing N N 334 
TYR N   H    sing N N 335 
TYR N   H2   sing N N 336 
TYR CA  C    sing N N 337 
TYR CA  CB   sing N N 338 
TYR CA  HA   sing N N 339 
TYR C   O    doub N N 340 
TYR C   OXT  sing N N 341 
TYR CB  CG   sing N N 342 
TYR CB  HB2  sing N N 343 
TYR CB  HB3  sing N N 344 
TYR CG  CD1  doub Y N 345 
TYR CG  CD2  sing Y N 346 
TYR CD1 CE1  sing Y N 347 
TYR CD1 HD1  sing N N 348 
TYR CD2 CE2  doub Y N 349 
TYR CD2 HD2  sing N N 350 
TYR CE1 CZ   doub Y N 351 
TYR CE1 HE1  sing N N 352 
TYR CE2 CZ   sing Y N 353 
TYR CE2 HE2  sing N N 354 
TYR CZ  OH   sing N N 355 
TYR OH  HH   sing N N 356 
TYR OXT HXT  sing N N 357 
VAL N   CA   sing N N 358 
VAL N   H    sing N N 359 
VAL N   H2   sing N N 360 
VAL CA  C    sing N N 361 
VAL CA  CB   sing N N 362 
VAL CA  HA   sing N N 363 
VAL C   O    doub N N 364 
VAL C   OXT  sing N N 365 
VAL CB  CG1  sing N N 366 
VAL CB  CG2  sing N N 367 
VAL CB  HB   sing N N 368 
VAL CG1 HG11 sing N N 369 
VAL CG1 HG12 sing N N 370 
VAL CG1 HG13 sing N N 371 
VAL CG2 HG21 sing N N 372 
VAL CG2 HG22 sing N N 373 
VAL CG2 HG23 sing N N 374 
VAL OXT HXT  sing N N 375 
# 
_atom_sites.entry_id                    2PST 
_atom_sites.fract_transf_matrix[1][1]   -0.00762642 
_atom_sites.fract_transf_matrix[1][2]   0.01548939 
_atom_sites.fract_transf_matrix[1][3]   0.00884960 
_atom_sites.fract_transf_matrix[2][1]   -0.01493170 
_atom_sites.fract_transf_matrix[2][2]   -0.00027638 
_atom_sites.fract_transf_matrix[2][3]   -0.01238413 
_atom_sites.fract_transf_matrix[3][1]   -0.01543597 
_atom_sites.fract_transf_matrix[3][2]   -0.01846888 
_atom_sites.fract_transf_matrix[3][3]   0.01902351 
_atom_sites.fract_transf_vector[1]      0.041810 
_atom_sites.fract_transf_vector[2]      0.704953 
_atom_sites.fract_transf_vector[3]      0.633284 
# 
loop_
_atom_type.symbol 
C 
N 
O 
S 
# 
loop_
_atom_site.group_PDB 
_atom_site.id 
_atom_site.type_symbol 
_atom_site.label_atom_id 
_atom_site.label_alt_id 
_atom_site.label_comp_id 
_atom_site.label_asym_id 
_atom_site.label_entity_id 
_atom_site.label_seq_id 
_atom_site.pdbx_PDB_ins_code 
_atom_site.Cartn_x 
_atom_site.Cartn_y 
_atom_site.Cartn_z 
_atom_site.occupancy 
_atom_site.B_iso_or_equiv 
_atom_site.pdbx_formal_charge 
_atom_site.auth_seq_id 
_atom_site.auth_comp_id 
_atom_site.auth_asym_id 
_atom_site.auth_atom_id 
_atom_site.pdbx_PDB_model_num 
ATOM   1   N N   . ASP A 1 10 ? -12.010 -4.207  13.812  1.00 38.16 ? 8   ASP X N   1 
ATOM   2   C CA  . ASP A 1 10 ? -12.477 -4.490  12.423  1.00 37.82 ? 8   ASP X CA  1 
ATOM   3   C C   . ASP A 1 10 ? -13.999 -4.521  12.294  1.00 37.70 ? 8   ASP X C   1 
ATOM   4   O O   . ASP A 1 10 ? -14.713 -5.160  13.081  1.00 38.32 ? 8   ASP X O   1 
ATOM   5   C CB  . ASP A 1 10 ? -11.886 -5.780  11.915  1.00 37.67 ? 8   ASP X CB  1 
ATOM   6   N N   . ASP A 1 11 ? -14.462 -3.804  11.278  1.00 37.04 ? 9   ASP X N   1 
ATOM   7   C CA  . ASP A 1 11 ? -15.855 -3.698  10.871  1.00 36.14 ? 9   ASP X CA  1 
ATOM   8   C C   . ASP A 1 11 ? -15.810 -2.925  9.557   1.00 34.50 ? 9   ASP X C   1 
ATOM   9   O O   . ASP A 1 11 ? -16.704 -2.986  8.696   0.00 35.33 ? 9   ASP X O   1 
ATOM   10  C CB  . ASP A 1 11 ? -16.718 -2.958  11.914  1.00 36.78 ? 9   ASP X CB  1 
ATOM   11  C CG  . ASP A 1 11 ? -16.036 -1.713  12.511  1.00 38.46 ? 9   ASP X CG  1 
ATOM   12  O OD1 . ASP A 1 11 ? -14.786 -1.611  12.500  1.00 40.34 ? 9   ASP X OD1 1 
ATOM   13  O OD2 . ASP A 1 11 ? -16.766 -0.831  13.028  1.00 40.24 ? 9   ASP X OD2 1 
ATOM   14  N N   . ILE A 1 12 ? -14.651 -2.306  9.343   1.00 31.91 ? 10  ILE X N   1 
ATOM   15  C CA  . ILE A 1 12 ? -14.417 -1.486  8.167   1.00 29.98 ? 10  ILE X CA  1 
ATOM   16  C C   . ILE A 1 12 ? -13.539 -2.226  7.158   1.00 28.27 ? 10  ILE X C   1 
ATOM   17  O O   . ILE A 1 12 ? -12.470 -2.742  7.498   1.00 27.63 ? 10  ILE X O   1 
ATOM   18  C CB  . ILE A 1 12 ? -13.786 -0.109  8.547   1.00 30.29 ? 10  ILE X CB  1 
ATOM   19  C CG1 . ILE A 1 12 ? -14.706 0.684   9.490   1.00 30.14 ? 10  ILE X CG1 1 
ATOM   20  C CG2 . ILE A 1 12 ? -13.397 0.705   7.295   1.00 30.46 ? 10  ILE X CG2 1 
ATOM   21  C CD1 . ILE A 1 12 ? -16.127 0.914   8.959   1.00 30.78 ? 10  ILE X CD1 1 
ATOM   22  N N   . GLN A 1 13 ? -14.015 -2.276  5.920   1.00 26.64 ? 11  GLN X N   1 
ATOM   23  C CA  . GLN A 1 13 ? -13.220 -2.770  4.808   1.00 25.13 ? 11  GLN X CA  1 
ATOM   24  C C   . GLN A 1 13 ? -12.212 -1.697  4.401   1.00 23.94 ? 11  GLN X C   1 
ATOM   25  O O   . GLN A 1 13 ? -12.584 -0.548  4.142   1.00 23.07 ? 11  GLN X O   1 
ATOM   26  C CB  . GLN A 1 13 ? -14.117 -3.136  3.630   1.00 25.78 ? 11  GLN X CB  1 
ATOM   27  C CG  . GLN A 1 13 ? -14.954 -4.393  3.861   1.00 28.55 ? 11  GLN X CG  1 
ATOM   28  C CD  . GLN A 1 13 ? -14.118 -5.672  3.812   1.00 30.57 ? 11  GLN X CD  1 
ATOM   29  O OE1 . GLN A 1 13 ? -13.452 -5.951  2.814   1.00 32.25 ? 11  GLN X OE1 1 
ATOM   30  N NE2 . GLN A 1 13 ? -14.159 -6.451  4.888   1.00 30.43 ? 11  GLN X NE2 1 
ATOM   31  N N   . PHE A 1 14 ? -10.939 -2.092  4.367   1.00 22.57 ? 12  PHE X N   1 
ATOM   32  C CA  . PHE A 1 14 ? -9.860  -1.256  3.868   1.00 21.21 ? 12  PHE X CA  1 
ATOM   33  C C   . PHE A 1 14 ? -9.383  -1.741  2.517   1.00 20.27 ? 12  PHE X C   1 
ATOM   34  O O   . PHE A 1 14 ? -9.638  -2.882  2.131   1.00 20.45 ? 12  PHE X O   1 
ATOM   35  C CB  . PHE A 1 14 ? -8.670  -1.273  4.839   1.00 21.30 ? 12  PHE X CB  1 
ATOM   36  C CG  . PHE A 1 14 ? -8.917  -0.514  6.094   1.00 20.81 ? 12  PHE X CG  1 
ATOM   37  C CD1 . PHE A 1 14 ? -8.578  0.836   6.184   1.00 21.54 ? 12  PHE X CD1 1 
ATOM   38  C CD2 . PHE A 1 14 ? -9.514  -1.132  7.182   1.00 21.20 ? 12  PHE X CD2 1 
ATOM   39  C CE1 . PHE A 1 14 ? -8.823  1.557   7.359   1.00 23.62 ? 12  PHE X CE1 1 
ATOM   40  C CE2 . PHE A 1 14 ? -9.775  -0.418  8.364   1.00 23.75 ? 12  PHE X CE2 1 
ATOM   41  C CZ  . PHE A 1 14 ? -9.420  0.927   8.449   1.00 22.68 ? 12  PHE X CZ  1 
ATOM   42  N N   . GLN A 1 15 ? -8.691  -0.863  1.807   1.00 19.83 ? 13  GLN X N   1 
ATOM   43  C CA  . GLN A 1 15 ? -7.962  -1.225  0.605   1.00 19.26 ? 13  GLN X CA  1 
ATOM   44  C C   . GLN A 1 15 ? -6.507  -0.930  0.881   1.00 18.61 ? 13  GLN X C   1 
ATOM   45  O O   . GLN A 1 15 ? -6.201  0.110   1.473   1.00 18.01 ? 13  GLN X O   1 
ATOM   46  C CB  . GLN A 1 15 ? -8.356  -0.324  -0.555  1.00 20.53 ? 13  GLN X CB  1 
ATOM   47  C CG  . GLN A 1 15 ? -9.809  -0.338  -0.940  1.00 22.79 ? 13  GLN X CG  1 
ATOM   48  C CD  . GLN A 1 15 ? -10.003 0.411   -2.230  1.00 26.39 ? 13  GLN X CD  1 
ATOM   49  O OE1 . GLN A 1 15 ? -10.255 1.623   -2.230  1.00 28.24 ? 13  GLN X OE1 1 
ATOM   50  N NE2 . GLN A 1 15 ? -9.818  -0.284  -3.344  1.00 25.46 ? 13  GLN X NE2 1 
ATOM   51  N N   . VAL A 1 16 ? -5.617  -1.823  0.452   1.00 17.49 ? 14  VAL X N   1 
ATOM   52  C CA  . VAL A 1 16 ? -4.181  -1.499  0.434   1.00 16.95 ? 14  VAL X CA  1 
ATOM   53  C C   . VAL A 1 16 ? -3.936  -0.584  -0.752  1.00 16.66 ? 14  VAL X C   1 
ATOM   54  O O   . VAL A 1 16 ? -4.398  -0.871  -1.859  1.00 16.80 ? 14  VAL X O   1 
ATOM   55  C CB  . VAL A 1 16 ? -3.284  -2.756  0.330   1.00 16.90 ? 14  VAL X CB  1 
ATOM   56  C CG1 . VAL A 1 16 ? -1.789  -2.353  0.174   1.00 15.69 ? 14  VAL X CG1 1 
ATOM   57  C CG2 . VAL A 1 16 ? -3.493  -3.662  1.578   1.00 17.10 ? 14  VAL X CG2 1 
ATOM   58  N N   . VAL A 1 17 ? -3.233  0.517   -0.517  1.00 16.33 ? 15  VAL X N   1 
ATOM   59  C CA  . VAL A 1 17 ? -2.949  1.474   -1.583  1.00 16.82 ? 15  VAL X CA  1 
ATOM   60  C C   . VAL A 1 17 ? -1.443  1.656   -1.700  1.00 16.96 ? 15  VAL X C   1 
ATOM   61  O O   . VAL A 1 17 ? -0.712  1.421   -0.729  1.00 17.65 ? 15  VAL X O   1 
ATOM   62  C CB  . VAL A 1 17 ? -3.684  2.825   -1.400  1.00 16.73 ? 15  VAL X CB  1 
ATOM   63  C CG1 . VAL A 1 17 ? -5.223  2.619   -1.496  1.00 17.46 ? 15  VAL X CG1 1 
ATOM   64  C CG2 . VAL A 1 17 ? -3.307  3.497   -0.068  1.00 17.16 ? 15  VAL X CG2 1 
ATOM   65  N N   . VAL A 1 18 ? -0.995  2.032   -2.894  1.00 16.23 ? 16  VAL X N   1 
ATOM   66  C CA  . VAL A 1 18 ? 0.439   2.164   -3.205  1.00 17.21 ? 16  VAL X CA  1 
ATOM   67  C C   . VAL A 1 18 ? 0.645   3.459   -4.003  1.00 17.69 ? 16  VAL X C   1 
ATOM   68  O O   . VAL A 1 18 ? -0.218  3.834   -4.820  1.00 16.74 ? 16  VAL X O   1 
ATOM   69  C CB  . VAL A 1 18 ? 0.955   0.908   -3.975  1.00 16.71 ? 16  VAL X CB  1 
ATOM   70  C CG1 . VAL A 1 18 ? 0.234   0.728   -5.333  1.00 17.99 ? 16  VAL X CG1 1 
ATOM   71  C CG2 . VAL A 1 18 ? 2.487   0.922   -4.169  1.00 18.13 ? 16  VAL X CG2 1 
ATOM   72  N N   . ASN A 1 19 ? 1.749   4.157   -3.713  1.00 17.82 ? 17  ASN X N   1 
ATOM   73  C CA  . ASN A 1 19 ? 2.091   5.383   -4.429  1.00 18.16 ? 17  ASN X CA  1 
ATOM   74  C C   . ASN A 1 19 ? 3.154   5.131   -5.509  1.00 18.46 ? 17  ASN X C   1 
ATOM   75  O O   . ASN A 1 19 ? 3.517   3.987   -5.776  1.00 18.12 ? 17  ASN X O   1 
ATOM   76  C CB  . ASN A 1 19 ? 2.478   6.507   -3.447  1.00 18.29 ? 17  ASN X CB  1 
ATOM   77  C CG  . ASN A 1 19 ? 3.771   6.224   -2.678  1.00 18.34 ? 17  ASN X CG  1 
ATOM   78  O OD1 . ASN A 1 19 ? 4.512   5.289   -2.978  1.00 19.18 ? 17  ASN X OD1 1 
ATOM   79  N ND2 . ASN A 1 19 ? 4.047   7.058   -1.679  1.00 19.93 ? 17  ASN X ND2 1 
ATOM   80  N N   . HIS A 1 20 ? 3.657   6.192   -6.132  1.00 19.03 ? 18  HIS X N   1 
ATOM   81  C CA  . HIS A 1 20 ? 4.615   6.035   -7.223  1.00 19.81 ? 18  HIS X CA  1 
ATOM   82  C C   . HIS A 1 20 ? 6.028   5.635   -6.739  1.00 19.70 ? 18  HIS X C   1 
ATOM   83  O O   . HIS A 1 20 ? 6.874   5.210   -7.532  1.00 20.23 ? 18  HIS X O   1 
ATOM   84  C CB  . HIS A 1 20 ? 4.617   7.295   -8.103  1.00 19.99 ? 18  HIS X CB  1 
ATOM   85  C CG  . HIS A 1 20 ? 3.368   7.448   -8.926  1.00 24.40 ? 18  HIS X CG  1 
ATOM   86  N ND1 . HIS A 1 20 ? 2.639   8.618   -8.976  1.00 27.18 ? 18  HIS X ND1 1 
ATOM   87  C CD2 . HIS A 1 20 ? 2.706   6.561   -9.704  1.00 26.89 ? 18  HIS X CD2 1 
ATOM   88  C CE1 . HIS A 1 20 ? 1.592   8.449   -9.764  1.00 27.08 ? 18  HIS X CE1 1 
ATOM   89  N NE2 . HIS A 1 20 ? 1.609   7.208   -10.219 1.00 27.78 ? 18  HIS X NE2 1 
ATOM   90  N N   . GLU A 1 21 ? 6.269   5.747   -5.437  1.00 19.20 ? 19  GLU X N   1 
ATOM   91  C CA  . GLU A 1 21 ? 7.516   5.255   -4.832  1.00 19.55 ? 19  GLU X CA  1 
ATOM   92  C C   . GLU A 1 21 ? 7.416   3.812   -4.310  1.00 19.03 ? 19  GLU X C   1 
ATOM   93  O O   . GLU A 1 21 ? 8.337   3.310   -3.650  1.00 18.15 ? 19  GLU X O   1 
ATOM   94  C CB  . GLU A 1 21 ? 7.980   6.193   -3.712  1.00 19.56 ? 19  GLU X CB  1 
ATOM   95  C CG  . GLU A 1 21 ? 8.466   7.537   -4.204  1.00 20.04 ? 19  GLU X CG  1 
ATOM   96  C CD  . GLU A 1 21 ? 9.819   7.466   -4.907  1.00 23.32 ? 19  GLU X CD  1 
ATOM   97  O OE1 . GLU A 1 21 ? 10.325  6.363   -5.175  1.00 24.14 ? 19  GLU X OE1 1 
ATOM   98  O OE2 . GLU A 1 21 ? 10.361  8.536   -5.216  1.00 27.58 ? 19  GLU X OE2 1 
ATOM   99  N N   . GLU A 1 22 ? 6.317   3.145   -4.648  1.00 18.76 ? 20  GLU X N   1 
ATOM   100 C CA  . GLU A 1 22 ? 6.069   1.779   -4.218  1.00 20.76 ? 20  GLU X CA  1 
ATOM   101 C C   . GLU A 1 22 ? 6.146   1.673   -2.677  1.00 19.97 ? 20  GLU X C   1 
ATOM   102 O O   . GLU A 1 22 ? 6.750   0.762   -2.107  1.00 20.47 ? 20  GLU X O   1 
ATOM   103 C CB  . GLU A 1 22 ? 6.975   0.795   -4.980  1.00 19.91 ? 20  GLU X CB  1 
ATOM   104 C CG  . GLU A 1 22 ? 6.311   -0.529  -5.299  1.00 23.39 ? 20  GLU X CG  1 
ATOM   105 C CD  . GLU A 1 22 ? 7.209   -1.475  -6.074  1.00 23.79 ? 20  GLU X CD  1 
ATOM   106 O OE1 . GLU A 1 22 ? 7.220   -1.389  -7.332  1.00 26.67 ? 20  GLU X OE1 1 
ATOM   107 O OE2 . GLU A 1 22 ? 7.855   -2.332  -5.420  1.00 28.70 ? 20  GLU X OE2 1 
ATOM   108 N N   . GLN A 1 23 ? 5.513   2.657   -2.028  1.00 19.45 ? 21  GLN X N   1 
ATOM   109 C CA  . GLN A 1 23 ? 5.246   2.677   -0.596  1.00 19.02 ? 21  GLN X CA  1 
ATOM   110 C C   . GLN A 1 23 ? 3.762   2.382   -0.392  1.00 19.09 ? 21  GLN X C   1 
ATOM   111 O O   . GLN A 1 23 ? 2.934   2.798   -1.207  1.00 19.20 ? 21  GLN X O   1 
ATOM   112 C CB  . GLN A 1 23 ? 5.561   4.061   -0.039  1.00 19.05 ? 21  GLN X CB  1 
ATOM   113 C CG  . GLN A 1 23 ? 7.044   4.454   -0.281  1.00 20.12 ? 21  GLN X CG  1 
ATOM   114 C CD  . GLN A 1 23 ? 7.320   5.889   0.060   1.00 20.84 ? 21  GLN X CD  1 
ATOM   115 O OE1 . GLN A 1 23 ? 6.520   6.784   -0.247  1.00 20.35 ? 21  GLN X OE1 1 
ATOM   116 N NE2 . GLN A 1 23 ? 8.471   6.133   0.683   1.00 20.68 ? 21  GLN X NE2 1 
ATOM   117 N N   . TYR A 1 24 ? 3.434   1.698   0.702   1.00 18.75 ? 22  TYR X N   1 
ATOM   118 C CA  . TYR A 1 24 ? 2.082   1.163   0.901   1.00 18.40 ? 22  TYR X CA  1 
ATOM   119 C C   . TYR A 1 24 ? 1.409   1.774   2.107   1.00 18.46 ? 22  TYR X C   1 
ATOM   120 O O   . TYR A 1 24 ? 2.058   2.103   3.111   1.00 17.24 ? 22  TYR X O   1 
ATOM   121 C CB  . TYR A 1 24 ? 2.098   -0.377  1.041   1.00 18.92 ? 22  TYR X CB  1 
ATOM   122 C CG  . TYR A 1 24 ? 2.708   -1.051  -0.159  1.00 20.37 ? 22  TYR X CG  1 
ATOM   123 C CD1 . TYR A 1 24 ? 4.079   -1.312  -0.206  1.00 20.74 ? 22  TYR X CD1 1 
ATOM   124 C CD2 . TYR A 1 24 ? 1.925   -1.386  -1.273  1.00 19.94 ? 22  TYR X CD2 1 
ATOM   125 C CE1 . TYR A 1 24 ? 4.663   -1.906  -1.325  1.00 21.93 ? 22  TYR X CE1 1 
ATOM   126 C CE2 . TYR A 1 24 ? 2.505   -1.977  -2.411  1.00 19.82 ? 22  TYR X CE2 1 
ATOM   127 C CZ  . TYR A 1 24 ? 3.865   -2.231  -2.423  1.00 20.68 ? 22  TYR X CZ  1 
ATOM   128 O OH  . TYR A 1 24 ? 4.435   -2.803  -3.535  1.00 21.84 ? 22  TYR X OH  1 
ATOM   129 N N   . SER A 1 25 ? 0.095   1.899   2.015   1.00 17.74 ? 23  SER X N   1 
ATOM   130 C CA  . SER A 1 25 ? -0.702  2.285   3.164   1.00 18.48 ? 23  SER X CA  1 
ATOM   131 C C   . SER A 1 25 ? -2.046  1.552   3.108   1.00 18.20 ? 23  SER X C   1 
ATOM   132 O O   . SER A 1 25 ? -2.311  0.781   2.174   1.00 16.98 ? 23  SER X O   1 
ATOM   133 C CB  . SER A 1 25 ? -0.875  3.820   3.199   1.00 18.47 ? 23  SER X CB  1 
ATOM   134 O OG  . SER A 1 25 ? -1.390  4.254   4.454   1.00 22.15 ? 23  SER X OG  1 
ATOM   135 N N   . ILE A 1 26 ? -2.867  1.758   4.126   1.00 18.14 ? 24  ILE X N   1 
ATOM   136 C CA  . ILE A 1 26 ? -4.244  1.273   4.089   1.00 19.64 ? 24  ILE X CA  1 
ATOM   137 C C   . ILE A 1 26 ? -5.178  2.475   4.004   1.00 19.71 ? 24  ILE X C   1 
ATOM   138 O O   . ILE A 1 26 ? -4.859  3.554   4.518   1.00 19.80 ? 24  ILE X O   1 
ATOM   139 C CB  . ILE A 1 26 ? -4.593  0.356   5.295   1.00 19.73 ? 24  ILE X CB  1 
ATOM   140 C CG1 . ILE A 1 26 ? -4.401  1.092   6.623   1.00 20.82 ? 24  ILE X CG1 1 
ATOM   141 C CG2 . ILE A 1 26 ? -3.732  -0.915  5.244   1.00 19.85 ? 24  ILE X CG2 1 
ATOM   142 C CD1 . ILE A 1 26 ? -4.943  0.350   7.860   1.00 21.28 ? 24  ILE X CD1 1 
ATOM   143 N N   . TRP A 1 27 ? -6.312  2.287   3.334   1.00 19.24 ? 25  TRP X N   1 
ATOM   144 C CA  . TRP A 1 27 ? -7.233  3.370   3.072   1.00 19.64 ? 25  TRP X CA  1 
ATOM   145 C C   . TRP A 1 27 ? -8.656  2.804   3.157   1.00 19.53 ? 25  TRP X C   1 
ATOM   146 O O   . TRP A 1 27 ? -8.943  1.760   2.564   1.00 19.35 ? 25  TRP X O   1 
ATOM   147 C CB  . TRP A 1 27 ? -6.941  3.993   1.692   1.00 20.15 ? 25  TRP X CB  1 
ATOM   148 C CG  . TRP A 1 27 ? -7.606  5.325   1.449   1.00 21.26 ? 25  TRP X CG  1 
ATOM   149 C CD1 . TRP A 1 27 ? -8.610  5.594   0.551   1.00 21.77 ? 25  TRP X CD1 1 
ATOM   150 C CD2 . TRP A 1 27 ? -7.327  6.559   2.123   1.00 21.48 ? 25  TRP X CD2 1 
ATOM   151 N NE1 . TRP A 1 27 ? -8.957  6.927   0.619   1.00 22.06 ? 25  TRP X NE1 1 
ATOM   152 C CE2 . TRP A 1 27 ? -8.202  7.538   1.582   1.00 22.58 ? 25  TRP X CE2 1 
ATOM   153 C CE3 . TRP A 1 27 ? -6.443  6.932   3.145   1.00 22.26 ? 25  TRP X CE3 1 
ATOM   154 C CZ2 . TRP A 1 27 ? -8.193  8.876   2.012   1.00 22.56 ? 25  TRP X CZ2 1 
ATOM   155 C CZ3 . TRP A 1 27 ? -6.441  8.270   3.577   1.00 22.11 ? 25  TRP X CZ3 1 
ATOM   156 C CH2 . TRP A 1 27 ? -7.319  9.216   3.010   1.00 21.53 ? 25  TRP X CH2 1 
ATOM   157 N N   . PRO A 1 28 ? -9.553  3.496   3.883   1.00 19.76 ? 26  PRO X N   1 
ATOM   158 C CA  . PRO A 1 28 ? -10.897 2.953   4.021   1.00 19.98 ? 26  PRO X CA  1 
ATOM   159 C C   . PRO A 1 28 ? -11.546 2.866   2.637   1.00 19.89 ? 26  PRO X C   1 
ATOM   160 O O   . PRO A 1 28 ? -11.470 3.825   1.867   1.00 18.95 ? 26  PRO X O   1 
ATOM   161 C CB  . PRO A 1 28 ? -11.617 3.990   4.895   1.00 20.14 ? 26  PRO X CB  1 
ATOM   162 C CG  . PRO A 1 28 ? -10.523 4.820   5.521   1.00 20.78 ? 26  PRO X CG  1 
ATOM   163 C CD  . PRO A 1 28 ? -9.397  4.803   4.549   1.00 20.14 ? 26  PRO X CD  1 
ATOM   164 N N   . GLU A 1 29 ? -12.133 1.713   2.323   1.00 20.61 ? 27  GLU X N   1 
ATOM   165 C CA  . GLU A 1 29 ? -12.845 1.516   1.059   1.00 21.73 ? 27  GLU X CA  1 
ATOM   166 C C   . GLU A 1 29 ? -13.918 2.578   0.793   1.00 20.77 ? 27  GLU X C   1 
ATOM   167 O O   . GLU A 1 29 ? -14.176 2.938   -0.357  1.00 21.36 ? 27  GLU X O   1 
ATOM   168 C CB  . GLU A 1 29 ? -13.486 0.139   1.035   1.00 22.61 ? 27  GLU X CB  1 
ATOM   169 C CG  . GLU A 1 29 ? -13.850 -0.338  -0.339  1.00 26.83 ? 27  GLU X CG  1 
ATOM   170 C CD  . GLU A 1 29 ? -13.452 -1.780  -0.518  1.00 31.80 ? 27  GLU X CD  1 
ATOM   171 O OE1 . GLU A 1 29 ? -14.184 -2.656  -0.009  1.00 32.74 ? 27  GLU X OE1 1 
ATOM   172 O OE2 . GLU A 1 29 ? -12.380 -2.017  -1.122  1.00 33.15 ? 27  GLU X OE2 1 
ATOM   173 N N   . TYR A 1 30 ? -14.526 3.092   1.859   1.00 20.04 ? 28  TYR X N   1 
ATOM   174 C CA  . TYR A 1 30 ? -15.575 4.090   1.723   1.00 19.41 ? 28  TYR X CA  1 
ATOM   175 C C   . TYR A 1 30 ? -15.084 5.469   1.260   1.00 19.68 ? 28  TYR X C   1 
ATOM   176 O O   . TYR A 1 30 ? -15.882 6.296   0.830   1.00 18.65 ? 28  TYR X O   1 
ATOM   177 C CB  . TYR A 1 30 ? -16.400 4.190   3.014   1.00 19.22 ? 28  TYR X CB  1 
ATOM   178 C CG  . TYR A 1 30 ? -15.667 4.707   4.237   1.00 18.67 ? 28  TYR X CG  1 
ATOM   179 C CD1 . TYR A 1 30 ? -15.220 3.833   5.235   1.00 18.23 ? 28  TYR X CD1 1 
ATOM   180 C CD2 . TYR A 1 30 ? -15.477 6.081   4.433   1.00 19.90 ? 28  TYR X CD2 1 
ATOM   181 C CE1 . TYR A 1 30 ? -14.581 4.321   6.390   1.00 18.88 ? 28  TYR X CE1 1 
ATOM   182 C CE2 . TYR A 1 30 ? -14.837 6.570   5.570   1.00 18.80 ? 28  TYR X CE2 1 
ATOM   183 C CZ  . TYR A 1 30 ? -14.394 5.684   6.545   1.00 20.01 ? 28  TYR X CZ  1 
ATOM   184 O OH  . TYR A 1 30 ? -13.755 6.191   7.674   1.00 19.94 ? 28  TYR X OH  1 
ATOM   185 N N   . LYS A 1 31 ? -13.770 5.700   1.324   1.00 20.18 ? 29  LYS X N   1 
ATOM   186 C CA  . LYS A 1 31 ? -13.197 6.953   0.863   1.00 21.40 ? 29  LYS X CA  1 
ATOM   187 C C   . LYS A 1 31 ? -12.577 6.852   -0.535  1.00 21.25 ? 29  LYS X C   1 
ATOM   188 O O   . LYS A 1 31 ? -11.973 5.835   -0.898  1.00 20.60 ? 29  LYS X O   1 
ATOM   189 C CB  . LYS A 1 31 ? -12.163 7.487   1.868   1.00 21.93 ? 29  LYS X CB  1 
ATOM   190 C CG  . LYS A 1 31 ? -12.769 7.791   3.240   1.00 22.76 ? 29  LYS X CG  1 
ATOM   191 C CD  . LYS A 1 31 ? -11.832 8.550   4.149   1.00 23.87 ? 29  LYS X CD  1 
ATOM   192 C CE  . LYS A 1 31 ? -12.025 10.048  4.001   1.00 27.66 ? 29  LYS X CE  1 
ATOM   193 N NZ  . LYS A 1 31 ? -10.748 10.760  4.309   1.00 30.72 ? 29  LYS X NZ  1 
ATOM   194 N N   . GLU A 1 32 ? -12.735 7.919   -1.312  1.00 21.04 ? 30  GLU X N   1 
ATOM   195 C CA  . GLU A 1 32 ? -12.019 8.068   -2.575  1.00 21.40 ? 30  GLU X CA  1 
ATOM   196 C C   . GLU A 1 32 ? -10.496 7.974   -2.384  1.00 21.36 ? 30  GLU X C   1 
ATOM   197 O O   . GLU A 1 32 ? -9.936  8.566   -1.453  1.00 21.83 ? 30  GLU X O   1 
ATOM   198 C CB  . GLU A 1 32 ? -12.386 9.403   -3.227  1.00 21.52 ? 30  GLU X CB  1 
ATOM   199 C CG  . GLU A 1 32 ? -13.824 9.448   -3.691  1.00 23.33 ? 30  GLU X CG  1 
ATOM   200 C CD  . GLU A 1 32 ? -14.103 8.397   -4.740  1.00 24.98 ? 30  GLU X CD  1 
ATOM   201 O OE1 . GLU A 1 32 ? -13.708 8.623   -5.904  1.00 26.27 ? 30  GLU X OE1 1 
ATOM   202 O OE2 . GLU A 1 32 ? -14.710 7.354   -4.394  1.00 26.20 ? 30  GLU X OE2 1 
ATOM   203 N N   . ILE A 1 33 ? -9.841  7.213   -3.251  1.00 21.30 ? 31  ILE X N   1 
ATOM   204 C CA  . ILE A 1 33 ? -8.376  7.088   -3.206  1.00 22.11 ? 31  ILE X CA  1 
ATOM   205 C C   . ILE A 1 33 ? -7.732  8.438   -3.574  1.00 22.88 ? 31  ILE X C   1 
ATOM   206 O O   . ILE A 1 33 ? -8.079  9.021   -4.606  1.00 22.64 ? 31  ILE X O   1 
ATOM   207 C CB  . ILE A 1 33 ? -7.843  5.918   -4.090  1.00 21.76 ? 31  ILE X CB  1 
ATOM   208 C CG1 . ILE A 1 33 ? -8.366  4.569   -3.565  1.00 22.63 ? 31  ILE X CG1 1 
ATOM   209 C CG2 . ILE A 1 33 ? -6.302  5.898   -4.089  1.00 21.77 ? 31  ILE X CG2 1 
ATOM   210 C CD1 . ILE A 1 33 ? -8.025  3.335   -4.428  1.00 22.48 ? 31  ILE X CD1 1 
ATOM   211 N N   . PRO A 1 34 ? -6.815  8.950   -2.717  1.00 23.35 ? 32  PRO X N   1 
ATOM   212 C CA  . PRO A 1 34 ? -6.240  10.277  -2.972  1.00 23.83 ? 32  PRO X CA  1 
ATOM   213 C C   . PRO A 1 34 ? -5.359  10.277  -4.221  1.00 23.58 ? 32  PRO X C   1 
ATOM   214 O O   . PRO A 1 34 ? -4.799  9.235   -4.575  1.00 22.74 ? 32  PRO X O   1 
ATOM   215 C CB  . PRO A 1 34 ? -5.390  10.556  -1.719  1.00 24.02 ? 32  PRO X CB  1 
ATOM   216 C CG  . PRO A 1 34 ? -5.762  9.506   -0.725  1.00 24.52 ? 32  PRO X CG  1 
ATOM   217 C CD  . PRO A 1 34 ? -6.273  8.337   -1.488  1.00 24.16 ? 32  PRO X CD  1 
ATOM   218 N N   . GLN A 1 35 ? -5.268  11.425  -4.898  1.00 23.67 ? 33  GLN X N   1 
ATOM   219 C CA  . GLN A 1 35 ? -4.349  11.579  -6.032  1.00 24.67 ? 33  GLN X CA  1 
ATOM   220 C C   . GLN A 1 35 ? -2.931  11.131  -5.644  1.00 23.97 ? 33  GLN X C   1 
ATOM   221 O O   . GLN A 1 35 ? -2.445  11.446  -4.561  1.00 23.98 ? 33  GLN X O   1 
ATOM   222 C CB  . GLN A 1 35 ? -4.344  13.034  -6.524  1.00 25.18 ? 33  GLN X CB  1 
ATOM   223 C CG  . GLN A 1 35 ? -3.216  13.386  -7.508  1.00 29.29 ? 33  GLN X CG  1 
ATOM   224 C CD  . GLN A 1 35 ? -3.472  12.930  -8.947  1.00 33.25 ? 33  GLN X CD  1 
ATOM   225 O OE1 . GLN A 1 35 ? -2.527  12.746  -9.718  1.00 36.97 ? 33  GLN X OE1 1 
ATOM   226 N NE2 . GLN A 1 35 ? -4.739  12.765  -9.315  1.00 34.87 ? 33  GLN X NE2 1 
ATOM   227 N N   . GLY A 1 36 ? -2.277  10.391  -6.535  1.00 23.76 ? 34  GLY X N   1 
ATOM   228 C CA  . GLY A 1 36 ? -0.915  9.931   -6.301  1.00 23.00 ? 34  GLY X CA  1 
ATOM   229 C C   . GLY A 1 36 ? -0.881  8.497   -5.790  1.00 22.77 ? 34  GLY X C   1 
ATOM   230 O O   . GLY A 1 36 ? 0.205   7.909   -5.632  1.00 22.88 ? 34  GLY X O   1 
ATOM   231 N N   . TRP A 1 37 ? -2.068  7.948   -5.517  1.00 22.18 ? 35  TRP X N   1 
ATOM   232 C CA  . TRP A 1 37 ? -2.220  6.586   -4.981  1.00 22.04 ? 35  TRP X CA  1 
ATOM   233 C C   . TRP A 1 37 ? -3.165  5.773   -5.838  1.00 22.10 ? 35  TRP X C   1 
ATOM   234 O O   . TRP A 1 37 ? -4.033  6.328   -6.541  1.00 21.06 ? 35  TRP X O   1 
ATOM   235 C CB  . TRP A 1 37 ? -2.737  6.610   -3.535  1.00 21.70 ? 35  TRP X CB  1 
ATOM   236 C CG  . TRP A 1 37 ? -1.782  7.276   -2.571  1.00 22.16 ? 35  TRP X CG  1 
ATOM   237 C CD1 . TRP A 1 37 ? -1.648  8.618   -2.353  1.00 21.63 ? 35  TRP X CD1 1 
ATOM   238 C CD2 . TRP A 1 37 ? -0.835  6.627   -1.696  1.00 22.13 ? 35  TRP X CD2 1 
ATOM   239 N NE1 . TRP A 1 37 ? -0.667  8.852   -1.410  1.00 22.36 ? 35  TRP X NE1 1 
ATOM   240 C CE2 . TRP A 1 37 ? -0.161  7.646   -0.985  1.00 21.72 ? 35  TRP X CE2 1 
ATOM   241 C CE3 . TRP A 1 37 ? -0.503  5.287   -1.439  1.00 21.25 ? 35  TRP X CE3 1 
ATOM   242 C CZ2 . TRP A 1 37 ? 0.837   7.371   -0.043  1.00 22.75 ? 35  TRP X CZ2 1 
ATOM   243 C CZ3 . TRP A 1 37 ? 0.489   5.014   -0.497  1.00 22.37 ? 35  TRP X CZ3 1 
ATOM   244 C CH2 . TRP A 1 37 ? 1.151   6.060   0.188   1.00 21.10 ? 35  TRP X CH2 1 
ATOM   245 N N   . ARG A 1 38 ? -2.994  4.455   -5.796  1.00 21.16 ? 36  ARG X N   1 
ATOM   246 C CA  . ARG A 1 38 ? -3.901  3.550   -6.489  1.00 21.56 ? 36  ARG X CA  1 
ATOM   247 C C   . ARG A 1 38 ? -4.052  2.267   -5.674  1.00 21.45 ? 36  ARG X C   1 
ATOM   248 O O   . ARG A 1 38 ? -3.228  1.984   -4.782  1.00 19.77 ? 36  ARG X O   1 
ATOM   249 C CB  . ARG A 1 38 ? -3.401  3.246   -7.913  1.00 22.15 ? 36  ARG X CB  1 
ATOM   250 C CG  . ARG A 1 38 ? -2.304  2.209   -7.969  1.00 22.58 ? 36  ARG X CG  1 
ATOM   251 C CD  . ARG A 1 38 ? -1.592  2.095   -9.324  1.00 23.30 ? 36  ARG X CD  1 
ATOM   252 N NE  . ARG A 1 38 ? -0.316  1.413   -9.103  1.00 23.90 ? 36  ARG X NE  1 
ATOM   253 C CZ  . ARG A 1 38 ? -0.177  0.095   -8.953  1.00 24.27 ? 36  ARG X CZ  1 
ATOM   254 N NH1 . ARG A 1 38 ? -1.226  -0.717  -9.043  1.00 22.88 ? 36  ARG X NH1 1 
ATOM   255 N NH2 . ARG A 1 38 ? 1.026   -0.410  -8.720  1.00 23.02 ? 36  ARG X NH2 1 
ATOM   256 N N   . ALA A 1 39 ? -5.096  1.499   -5.988  1.00 21.29 ? 37  ALA X N   1 
ATOM   257 C CA  . ALA A 1 39 ? -5.322  0.202   -5.363  1.00 21.68 ? 37  ALA X CA  1 
ATOM   258 C C   . ALA A 1 39 ? -4.167  -0.749  -5.676  1.00 22.00 ? 37  ALA X C   1 
ATOM   259 O O   . ALA A 1 39 ? -3.754  -0.896  -6.836  1.00 21.14 ? 37  ALA X O   1 
ATOM   260 C CB  . ALA A 1 39 ? -6.665  -0.391  -5.824  1.00 21.78 ? 37  ALA X CB  1 
ATOM   261 N N   . ALA A 1 40 ? -3.644  -1.382  -4.633  1.00 21.94 ? 38  ALA X N   1 
ATOM   262 C CA  . ALA A 1 40 ? -2.522  -2.296  -4.780  1.00 22.78 ? 38  ALA X CA  1 
ATOM   263 C C   . ALA A 1 40 ? -2.937  -3.754  -4.930  1.00 23.79 ? 38  ALA X C   1 
ATOM   264 O O   . ALA A 1 40 ? -2.071  -4.625  -5.006  1.00 24.55 ? 38  ALA X O   1 
ATOM   265 C CB  . ALA A 1 40 ? -1.537  -2.149  -3.608  1.00 22.08 ? 38  ALA X CB  1 
ATOM   266 N N   . GLY A 1 41 ? -4.244  -4.024  -4.950  1.00 23.40 ? 39  GLY X N   1 
ATOM   267 C CA  . GLY A 1 41 ? -4.738  -5.385  -5.179  1.00 23.79 ? 39  GLY X CA  1 
ATOM   268 C C   . GLY A 1 41 ? -5.091  -6.187  -3.936  1.00 23.64 ? 39  GLY X C   1 
ATOM   269 O O   . GLY A 1 41 ? -4.962  -7.416  -3.928  1.00 24.18 ? 39  GLY X O   1 
ATOM   270 N N   . LYS A 1 42 ? -5.548  -5.504  -2.890  1.00 22.69 ? 40  LYS X N   1 
ATOM   271 C CA  . LYS A 1 42 ? -6.029  -6.176  -1.688  1.00 22.17 ? 40  LYS X CA  1 
ATOM   272 C C   . LYS A 1 42 ? -7.048  -5.308  -0.945  1.00 21.61 ? 40  LYS X C   1 
ATOM   273 O O   . LYS A 1 42 ? -6.749  -4.160  -0.616  1.00 21.14 ? 40  LYS X O   1 
ATOM   274 C CB  . LYS A 1 42 ? -4.854  -6.546  -0.761  1.00 21.79 ? 40  LYS X CB  1 
ATOM   275 C CG  . LYS A 1 42 ? -5.238  -7.166  0.583   1.00 23.01 ? 40  LYS X CG  1 
ATOM   276 C CD  . LYS A 1 42 ? -5.783  -8.585  0.417   1.00 24.17 ? 40  LYS X CD  1 
ATOM   277 C CE  . LYS A 1 42 ? -5.990  -9.251  1.764   1.00 26.32 ? 40  LYS X CE  1 
ATOM   278 N NZ  . LYS A 1 42 ? -6.424  -10.679 1.606   1.00 28.27 ? 40  LYS X NZ  1 
ATOM   279 N N   . SER A 1 43 ? -8.242  -5.862  -0.710  1.00 20.98 ? 41  SER X N   1 
ATOM   280 C CA  . SER A 1 43 ? -9.256  -5.255  0.160   1.00 21.28 ? 41  SER X CA  1 
ATOM   281 C C   . SER A 1 43 ? -9.554  -6.216  1.296   1.00 20.97 ? 41  SER X C   1 
ATOM   282 O O   . SER A 1 43 ? -9.404  -7.427  1.146   1.00 20.43 ? 41  SER X O   1 
ATOM   283 C CB  . SER A 1 43 ? -10.580 -4.988  -0.576  1.00 21.79 ? 41  SER X CB  1 
ATOM   284 O OG  . SER A 1 43 ? -10.474 -3.949  -1.531  1.00 25.49 ? 41  SER X OG  1 
ATOM   285 N N   . GLY A 1 44 ? -9.998  -5.681  2.424   1.00 20.85 ? 42  GLY X N   1 
ATOM   286 C CA  . GLY A 1 44 ? -10.338 -6.532  3.549   1.00 21.37 ? 42  GLY X CA  1 
ATOM   287 C C   . GLY A 1 44 ? -10.314 -5.799  4.864   1.00 21.18 ? 42  GLY X C   1 
ATOM   288 O O   . GLY A 1 44 ? -10.161 -4.572  4.908   1.00 21.11 ? 42  GLY X O   1 
ATOM   289 N N   . LEU A 1 45 ? -10.480 -6.561  5.941   1.00 21.16 ? 43  LEU X N   1 
ATOM   290 C CA  . LEU A 1 45 ? -10.346 -6.011  7.270   1.00 21.40 ? 43  LEU X CA  1 
ATOM   291 C C   . LEU A 1 45 ? -8.905  -5.556  7.502   1.00 21.24 ? 43  LEU X C   1 
ATOM   292 O O   . LEU A 1 45 ? -7.984  -5.992  6.808   1.00 21.08 ? 43  LEU X O   1 
ATOM   293 C CB  . LEU A 1 45 ? -10.785 -7.032  8.320   1.00 22.20 ? 43  LEU X CB  1 
ATOM   294 C CG  . LEU A 1 45 ? -12.237 -7.502  8.204   1.00 22.97 ? 43  LEU X CG  1 
ATOM   295 C CD1 . LEU A 1 45 ? -12.496 -8.593  9.217   1.00 24.49 ? 43  LEU X CD1 1 
ATOM   296 C CD2 . LEU A 1 45 ? -13.234 -6.350  8.379   1.00 24.33 ? 43  LEU X CD2 1 
ATOM   297 N N   . LYS A 1 46 ? -8.732  -4.656  8.461   1.00 21.54 ? 44  LYS X N   1 
ATOM   298 C CA  . LYS A 1 46 ? -7.434  -4.057  8.745   1.00 21.67 ? 44  LYS X CA  1 
ATOM   299 C C   . LYS A 1 46 ? -6.314  -5.095  8.887   1.00 21.79 ? 44  LYS X C   1 
ATOM   300 O O   . LYS A 1 46 ? -5.259  -4.960  8.256   1.00 21.01 ? 44  LYS X O   1 
ATOM   301 C CB  . LYS A 1 46 ? -7.537  -3.192  9.998   1.00 22.13 ? 44  LYS X CB  1 
ATOM   302 C CG  . LYS A 1 46 ? -6.329  -2.326  10.294  1.00 22.29 ? 44  LYS X CG  1 
ATOM   303 C CD  . LYS A 1 46 ? -6.531  -1.682  11.660  1.00 26.26 ? 44  LYS X CD  1 
ATOM   304 C CE  . LYS A 1 46 ? -5.632  -0.481  11.865  1.00 30.17 ? 44  LYS X CE  1 
ATOM   305 N NZ  . LYS A 1 46 ? -6.089  0.295   13.067  1.00 31.31 ? 44  LYS X NZ  1 
ATOM   306 N N   . LYS A 1 47 ? -6.534  -6.124  9.709   1.00 21.55 ? 45  LYS X N   1 
ATOM   307 C CA  . LYS A 1 47 ? -5.485  -7.120  9.947   1.00 21.68 ? 45  LYS X CA  1 
ATOM   308 C C   . LYS A 1 47 ? -5.043  -7.829  8.649   1.00 21.04 ? 45  LYS X C   1 
ATOM   309 O O   . LYS A 1 47 ? -3.856  -8.076  8.453   1.00 20.65 ? 45  LYS X O   1 
ATOM   310 C CB  . LYS A 1 47 ? -5.886  -8.123  11.042  1.00 21.91 ? 45  LYS X CB  1 
ATOM   311 C CG  . LYS A 1 47 ? -6.864  -9.209  10.588  1.00 22.38 ? 45  LYS X CG  1 
ATOM   312 C CD  . LYS A 1 47 ? -7.031  -10.321 11.642  1.00 22.51 ? 45  LYS X CD  1 
ATOM   313 C CE  . LYS A 1 47 ? -7.691  -11.556 11.024  1.00 23.93 ? 45  LYS X CE  1 
ATOM   314 N NZ  . LYS A 1 47 ? -7.459  -12.778 11.850  1.00 25.09 ? 45  LYS X NZ  1 
ATOM   315 N N   . ASP A 1 48 ? -5.992  -8.131  7.766   1.00 20.92 ? 46  ASP X N   1 
ATOM   316 C CA  . ASP A 1 48 ? -5.671  -8.810  6.507   1.00 21.00 ? 46  ASP X CA  1 
ATOM   317 C C   . ASP A 1 48 ? -4.925  -7.889  5.555   1.00 20.22 ? 46  ASP X C   1 
ATOM   318 O O   . ASP A 1 48 ? -3.981  -8.316  4.889   1.00 19.74 ? 46  ASP X O   1 
ATOM   319 C CB  . ASP A 1 48 ? -6.934  -9.392  5.880   1.00 21.74 ? 46  ASP X CB  1 
ATOM   320 C CG  . ASP A 1 48 ? -7.601  -10.394 6.798   1.00 25.26 ? 46  ASP X CG  1 
ATOM   321 O OD1 . ASP A 1 48 ? -6.867  -11.254 7.351   1.00 28.27 ? 46  ASP X OD1 1 
ATOM   322 O OD2 . ASP A 1 48 ? -8.831  -10.294 7.002   1.00 27.39 ? 46  ASP X OD2 1 
ATOM   323 N N   . CYS A 1 49 ? -5.317  -6.621  5.526   1.00 19.27 ? 47  CYS X N   1 
ATOM   324 C CA  . CYS A 1 49 ? -4.573  -5.632  4.740   1.00 19.16 ? 47  CYS X CA  1 
ATOM   325 C C   . CYS A 1 49 ? -3.144  -5.451  5.272   1.00 18.78 ? 47  CYS X C   1 
ATOM   326 O O   . CYS A 1 49 ? -2.199  -5.390  4.491   1.00 18.26 ? 47  CYS X O   1 
ATOM   327 C CB  . CYS A 1 49 ? -5.320  -4.304  4.688   1.00 19.16 ? 47  CYS X CB  1 
ATOM   328 S SG  . CYS A 1 49 ? -6.825  -4.387  3.672   1.00 20.07 ? 47  CYS X SG  1 
ATOM   329 N N   . LEU A 1 50 ? -2.996  -5.407  6.597   1.00 18.45 ? 48  LEU X N   1 
ATOM   330 C CA  . LEU A 1 50 ? -1.675  -5.244  7.212   1.00 18.50 ? 48  LEU X CA  1 
ATOM   331 C C   . LEU A 1 50 ? -0.796  -6.459  6.964   1.00 18.44 ? 48  LEU X C   1 
ATOM   332 O O   . LEU A 1 50 ? 0.392   -6.305  6.686   1.00 18.48 ? 48  LEU X O   1 
ATOM   333 C CB  . LEU A 1 50 ? -1.800  -4.912  8.715   1.00 18.79 ? 48  LEU X CB  1 
ATOM   334 C CG  . LEU A 1 50 ? -2.365  -3.509  9.005   1.00 18.85 ? 48  LEU X CG  1 
ATOM   335 C CD1 . LEU A 1 50 ? -2.353  -3.224  10.496  1.00 19.80 ? 48  LEU X CD1 1 
ATOM   336 C CD2 . LEU A 1 50 ? -1.567  -2.432  8.279   1.00 18.48 ? 48  LEU X CD2 1 
ATOM   337 N N   . ALA A 1 51 ? -1.391  -7.654  7.024   1.00 18.62 ? 49  ALA X N   1 
ATOM   338 C CA  . ALA A 1 51 ? -0.685  -8.900  6.713   1.00 18.72 ? 49  ALA X CA  1 
ATOM   339 C C   . ALA A 1 51 ? -0.162  -8.868  5.269   1.00 18.67 ? 49  ALA X C   1 
ATOM   340 O O   . ALA A 1 51 ? 0.988   -9.204  5.008   1.00 18.35 ? 49  ALA X O   1 
ATOM   341 C CB  . ALA A 1 51 ? -1.595  -10.108 6.940   1.00 19.04 ? 49  ALA X CB  1 
ATOM   342 N N   . TYR A 1 52 ? -1.020  -8.443  4.346   1.00 18.26 ? 50  TYR X N   1 
ATOM   343 C CA  . TYR A 1 52 ? -0.655  -8.300  2.945   1.00 18.35 ? 50  TYR X CA  1 
ATOM   344 C C   . TYR A 1 52 ? 0.538   -7.356  2.725   1.00 17.65 ? 50  TYR X C   1 
ATOM   345 O O   . TYR A 1 52 ? 1.509   -7.704  2.032   1.00 17.28 ? 50  TYR X O   1 
ATOM   346 C CB  . TYR A 1 52 ? -1.889  -7.842  2.160   1.00 19.56 ? 50  TYR X CB  1 
ATOM   347 C CG  . TYR A 1 52 ? -1.680  -7.686  0.677   1.00 20.73 ? 50  TYR X CG  1 
ATOM   348 C CD1 . TYR A 1 52 ? -1.774  -8.781  -0.175  1.00 22.40 ? 50  TYR X CD1 1 
ATOM   349 C CD2 . TYR A 1 52 ? -1.414  -6.427  0.121   1.00 22.06 ? 50  TYR X CD2 1 
ATOM   350 C CE1 . TYR A 1 52 ? -1.588  -8.636  -1.552  1.00 22.71 ? 50  TYR X CE1 1 
ATOM   351 C CE2 . TYR A 1 52 ? -1.228  -6.276  -1.246  1.00 21.76 ? 50  TYR X CE2 1 
ATOM   352 C CZ  . TYR A 1 52 ? -1.318  -7.375  -2.065  1.00 21.45 ? 50  TYR X CZ  1 
ATOM   353 O OH  . TYR A 1 52 ? -1.139  -7.202  -3.408  1.00 23.75 ? 50  TYR X OH  1 
ATOM   354 N N   . ILE A 1 53 ? 0.463   -6.162  3.303   1.00 16.54 ? 51  ILE X N   1 
ATOM   355 C CA  . ILE A 1 53 ? 1.554   -5.189  3.204   1.00 15.79 ? 51  ILE X CA  1 
ATOM   356 C C   . ILE A 1 53 ? 2.857   -5.813  3.734   1.00 15.84 ? 51  ILE X C   1 
ATOM   357 O O   . ILE A 1 53 ? 3.898   -5.723  3.098   1.00 16.26 ? 51  ILE X O   1 
ATOM   358 C CB  . ILE A 1 53 ? 1.232   -3.861  3.952   1.00 15.82 ? 51  ILE X CB  1 
ATOM   359 C CG1 . ILE A 1 53 ? 0.092   -3.115  3.241   1.00 16.23 ? 51  ILE X CG1 1 
ATOM   360 C CG2 . ILE A 1 53 ? 2.480   -2.942  3.984   1.00 15.86 ? 51  ILE X CG2 1 
ATOM   361 C CD1 . ILE A 1 53 ? -0.532  -1.969  4.008   1.00 15.91 ? 51  ILE X CD1 1 
ATOM   362 N N   . GLU A 1 54 ? 2.778   -6.466  4.889   1.00 15.33 ? 52  GLU X N   1 
ATOM   363 C CA  . GLU A 1 54 ? 3.951   -7.156  5.438   1.00 16.41 ? 52  GLU X CA  1 
ATOM   364 C C   . GLU A 1 54 ? 4.521   -8.217  4.469   1.00 16.97 ? 52  GLU X C   1 
ATOM   365 O O   . GLU A 1 54 ? 5.740   -8.360  4.362   1.00 17.40 ? 52  GLU X O   1 
ATOM   366 C CB  . GLU A 1 54 ? 3.618   -7.780  6.785   1.00 15.84 ? 52  GLU X CB  1 
ATOM   367 C CG  . GLU A 1 54 ? 4.846   -8.373  7.473   1.00 16.89 ? 52  GLU X CG  1 
ATOM   368 C CD  . GLU A 1 54 ? 4.493   -9.044  8.762   1.00 16.85 ? 52  GLU X CD  1 
ATOM   369 O OE1 . GLU A 1 54 ? 3.361   -8.814  9.263   1.00 17.11 ? 52  GLU X OE1 1 
ATOM   370 O OE2 . GLU A 1 54 ? 5.334   -9.817  9.263   1.00 17.51 ? 52  GLU X OE2 1 
ATOM   371 N N   . GLU A 1 55 ? 3.637   -8.932  3.774   1.00 18.16 ? 53  GLU X N   1 
ATOM   372 C CA  . GLU A 1 55 ? 4.028   -9.962  2.796   1.00 20.00 ? 53  GLU X CA  1 
ATOM   373 C C   . GLU A 1 55 ? 4.745   -9.351  1.576   1.00 19.28 ? 53  GLU X C   1 
ATOM   374 O O   . GLU A 1 55 ? 5.794   -9.849  1.149   1.00 19.31 ? 53  GLU X O   1 
ATOM   375 C CB  . GLU A 1 55 ? 2.788   -10.776 2.370   1.00 19.79 ? 53  GLU X CB  1 
ATOM   376 C CG  . GLU A 1 55 ? 3.063   -11.963 1.452   1.00 22.62 ? 53  GLU X CG  1 
ATOM   377 C CD  . GLU A 1 55 ? 1.819   -12.488 0.703   1.00 24.25 ? 53  GLU X CD  1 
ATOM   378 O OE1 . GLU A 1 55 ? 0.715   -11.887 0.791   1.00 29.06 ? 53  GLU X OE1 1 
ATOM   379 O OE2 . GLU A 1 55 ? 1.958   -13.518 0.001   1.00 29.85 ? 53  GLU X OE2 1 
ATOM   380 N N   . VAL A 1 56 ? 4.214   -8.239  1.064   1.00 18.63 ? 54  VAL X N   1 
ATOM   381 C CA  . VAL A 1 56 ? 4.672   -7.676  -0.220  1.00 18.73 ? 54  VAL X CA  1 
ATOM   382 C C   . VAL A 1 56 ? 5.748   -6.569  -0.113  1.00 18.46 ? 54  VAL X C   1 
ATOM   383 O O   . VAL A 1 56 ? 6.528   -6.364  -1.048  1.00 17.97 ? 54  VAL X O   1 
ATOM   384 C CB  . VAL A 1 56 ? 3.471   -7.204  -1.114  1.00 18.40 ? 54  VAL X CB  1 
ATOM   385 C CG1 . VAL A 1 56 ? 2.428   -8.317  -1.244  1.00 20.03 ? 54  VAL X CG1 1 
ATOM   386 C CG2 . VAL A 1 56 ? 2.814   -5.934  -0.588  1.00 19.92 ? 54  VAL X CG2 1 
ATOM   387 N N   . TRP A 1 57 ? 5.771   -5.850  1.005   1.00 18.33 ? 55  TRP X N   1 
ATOM   388 C CA  . TRP A 1 57 ? 6.713   -4.742  1.171   1.00 19.41 ? 55  TRP X CA  1 
ATOM   389 C C   . TRP A 1 57 ? 7.938   -5.189  1.970   1.00 20.43 ? 55  TRP X C   1 
ATOM   390 O O   . TRP A 1 57 ? 8.038   -4.962  3.176   1.00 21.90 ? 55  TRP X O   1 
ATOM   391 C CB  . TRP A 1 57 ? 6.017   -3.534  1.807   1.00 18.94 ? 55  TRP X CB  1 
ATOM   392 C CG  . TRP A 1 57 ? 6.748   -2.227  1.632   1.00 18.37 ? 55  TRP X CG  1 
ATOM   393 C CD1 . TRP A 1 57 ? 7.803   -1.975  0.799   1.00 20.44 ? 55  TRP X CD1 1 
ATOM   394 C CD2 . TRP A 1 57 ? 6.429   -0.978  2.261   1.00 18.17 ? 55  TRP X CD2 1 
ATOM   395 N NE1 . TRP A 1 57 ? 8.176   -0.652  0.894   1.00 20.14 ? 55  TRP X NE1 1 
ATOM   396 C CE2 . TRP A 1 57 ? 7.346   -0.022  1.785   1.00 19.79 ? 55  TRP X CE2 1 
ATOM   397 C CE3 . TRP A 1 57 ? 5.456   -0.580  3.192   1.00 19.30 ? 55  TRP X CE3 1 
ATOM   398 C CZ2 . TRP A 1 57 ? 7.328   1.317   2.206   1.00 18.91 ? 55  TRP X CZ2 1 
ATOM   399 C CZ3 . TRP A 1 57 ? 5.438   0.751   3.620   1.00 20.19 ? 55  TRP X CZ3 1 
ATOM   400 C CH2 . TRP A 1 57 ? 6.378   1.683   3.120   1.00 19.17 ? 55  TRP X CH2 1 
ATOM   401 N N   . THR A 1 58 ? 8.867   -5.844  1.292   1.00 20.89 ? 56  THR X N   1 
ATOM   402 C CA  . THR A 1 58 ? 10.031  -6.420  1.961   1.00 22.01 ? 56  THR X CA  1 
ATOM   403 C C   . THR A 1 58 ? 11.274  -5.550  1.780   1.00 22.04 ? 56  THR X C   1 
ATOM   404 O O   . THR A 1 58 ? 12.197  -5.604  2.595   1.00 23.16 ? 56  THR X O   1 
ATOM   405 C CB  . THR A 1 58 ? 10.321  -7.837  1.451   1.00 21.91 ? 56  THR X CB  1 
ATOM   406 O OG1 . THR A 1 58 ? 10.526  -7.784  0.038   1.00 22.52 ? 56  THR X OG1 1 
ATOM   407 C CG2 . THR A 1 58 ? 9.135   -8.779  1.770   1.00 22.51 ? 56  THR X CG2 1 
ATOM   408 N N   . ASP A 1 59 ? 11.291  -4.758  0.711   1.00 21.79 ? 57  ASP X N   1 
ATOM   409 C CA  . ASP A 1 59 ? 12.372  -3.796  0.462   1.00 21.52 ? 57  ASP X CA  1 
ATOM   410 C C   . ASP A 1 59 ? 11.751  -2.429  0.665   1.00 21.11 ? 57  ASP X C   1 
ATOM   411 O O   . ASP A 1 59 ? 11.017  -1.921  -0.187  1.00 20.74 ? 57  ASP X O   1 
ATOM   412 C CB  . ASP A 1 59 ? 12.908  -3.942  -0.968  1.00 21.65 ? 57  ASP X CB  1 
ATOM   413 C CG  . ASP A 1 59 ? 14.066  -2.972  -1.293  1.00 22.73 ? 57  ASP X CG  1 
ATOM   414 O OD1 . ASP A 1 59 ? 14.375  -2.056  -0.493  1.00 21.37 ? 57  ASP X OD1 1 
ATOM   415 O OD2 . ASP A 1 59 ? 14.660  -3.125  -2.388  1.00 23.28 ? 57  ASP X OD2 1 
ATOM   416 N N   . MET A 1 60 ? 12.007  -1.839  1.816   1.00 20.85 ? 58  MET X N   1 
ATOM   417 C CA  . MET A 1 60 ? 11.295  -0.607  2.132   1.00 22.17 ? 58  MET X CA  1 
ATOM   418 C C   . MET A 1 60 ? 11.953  0.691   1.681   1.00 21.48 ? 58  MET X C   1 
ATOM   419 O O   . MET A 1 60 ? 11.470  1.788   2.007   1.00 21.73 ? 58  MET X O   1 
ATOM   420 C CB  . MET A 1 60 ? 10.937  -0.562  3.584   1.00 21.86 ? 58  MET X CB  1 
ATOM   421 C CG  . MET A 1 60 ? 9.851   -1.607  3.916   1.00 23.75 ? 58  MET X CG  1 
ATOM   422 S SD  . MET A 1 60 ? 9.686   -1.594  5.661   1.00 24.61 ? 58  MET X SD  1 
ATOM   423 C CE  . MET A 1 60 ? 11.135  -2.529  6.069   1.00 30.83 ? 58  MET X CE  1 
ATOM   424 N N   . ARG A 1 61 ? 13.017  0.573   0.893   1.00 20.33 ? 59  ARG X N   1 
ATOM   425 C CA  . ARG A 1 61 ? 13.572  1.749   0.225   1.00 19.61 ? 59  ARG X CA  1 
ATOM   426 C C   . ARG A 1 61 ? 12.536  2.252   -0.787  1.00 18.84 ? 59  ARG X C   1 
ATOM   427 O O   . ARG A 1 61 ? 11.889  1.443   -1.464  1.00 18.69 ? 59  ARG X O   1 
ATOM   428 C CB  . ARG A 1 61 ? 14.860  1.387   -0.523  1.00 19.07 ? 59  ARG X CB  1 
ATOM   429 C CG  . ARG A 1 61 ? 16.038  0.980   0.380   1.00 20.35 ? 59  ARG X CG  1 
ATOM   430 C CD  . ARG A 1 61 ? 17.227  0.523   -0.473  1.00 19.87 ? 59  ARG X CD  1 
ATOM   431 N NE  . ARG A 1 61 ? 16.869  -0.621  -1.320  1.00 21.08 ? 59  ARG X NE  1 
ATOM   432 C CZ  . ARG A 1 61 ? 17.625  -1.088  -2.311  1.00 22.97 ? 59  ARG X CZ  1 
ATOM   433 N NH1 . ARG A 1 61 ? 18.782  -0.499  -2.611  1.00 20.37 ? 59  ARG X NH1 1 
ATOM   434 N NH2 . ARG A 1 61 ? 17.212  -2.131  -3.021  1.00 22.59 ? 59  ARG X NH2 1 
ATOM   435 N N   . PRO A 1 62 ? 12.368  3.583   -0.894  1.00 18.46 ? 60  PRO X N   1 
ATOM   436 C CA  . PRO A 1 62 ? 11.489  4.075   -1.958  1.00 18.01 ? 60  PRO X CA  1 
ATOM   437 C C   . PRO A 1 62 ? 12.023  3.592   -3.295  1.00 17.10 ? 60  PRO X C   1 
ATOM   438 O O   . PRO A 1 62 ? 13.240  3.424   -3.445  1.00 16.34 ? 60  PRO X O   1 
ATOM   439 C CB  . PRO A 1 62 ? 11.641  5.599   -1.875  1.00 17.77 ? 60  PRO X CB  1 
ATOM   440 C CG  . PRO A 1 62 ? 12.170  5.866   -0.484  1.00 19.51 ? 60  PRO X CG  1 
ATOM   441 C CD  . PRO A 1 62 ? 12.936  4.667   -0.067  1.00 18.60 ? 60  PRO X CD  1 
ATOM   442 N N   . LEU A 1 63 ? 11.123  3.393   -4.252  1.00 17.10 ? 61  LEU X N   1 
ATOM   443 C CA  . LEU A 1 63 ? 11.525  2.940   -5.600  1.00 16.78 ? 61  LEU X CA  1 
ATOM   444 C C   . LEU A 1 63 ? 12.675  3.759   -6.203  1.00 16.01 ? 61  LEU X C   1 
ATOM   445 O O   . LEU A 1 63 ? 13.599  3.181   -6.799  1.00 15.54 ? 61  LEU X O   1 
ATOM   446 C CB  . LEU A 1 63 ? 10.313  2.954   -6.543  1.00 16.31 ? 61  LEU X CB  1 
ATOM   447 C CG  . LEU A 1 63 ? 10.529  2.502   -7.998  1.00 18.14 ? 61  LEU X CG  1 
ATOM   448 C CD1 . LEU A 1 63 ? 11.035  1.062   -8.051  1.00 19.71 ? 61  LEU X CD1 1 
ATOM   449 C CD2 . LEU A 1 63 ? 9.201   2.641   -8.759  1.00 18.08 ? 61  LEU X CD2 1 
ATOM   450 N N   . SER A 1 64 ? 12.617  5.095   -6.092  1.00 15.24 ? 62  SER X N   1 
ATOM   451 C CA  A SER A 1 64 ? 13.673  5.928   -6.673  0.50 15.34 ? 62  SER X CA  1 
ATOM   452 C CA  B SER A 1 64 ? 13.668  5.983   -6.623  0.50 15.51 ? 62  SER X CA  1 
ATOM   453 C C   . SER A 1 64 ? 15.029  5.704   -5.996  1.00 15.30 ? 62  SER X C   1 
ATOM   454 O O   . SER A 1 64 ? 16.071  5.806   -6.648  1.00 14.97 ? 62  SER X O   1 
ATOM   455 C CB  A SER A 1 64 ? 13.284  7.406   -6.645  0.50 15.53 ? 62  SER X CB  1 
ATOM   456 C CB  B SER A 1 64 ? 13.316  7.454   -6.371  0.50 15.76 ? 62  SER X CB  1 
ATOM   457 O OG  A SER A 1 64 ? 13.155  7.850   -5.311  0.50 15.22 ? 62  SER X OG  1 
ATOM   458 O OG  B SER A 1 64 ? 12.205  7.871   -7.131  0.50 16.22 ? 62  SER X OG  1 
ATOM   459 N N   . LEU A 1 65 ? 15.012  5.383   -4.705  1.00 15.14 ? 63  LEU X N   1 
ATOM   460 C CA  . LEU A 1 65 ? 16.249  5.029   -3.995  1.00 15.82 ? 63  LEU X CA  1 
ATOM   461 C C   . LEU A 1 65 ? 16.822  3.686   -4.495  1.00 16.23 ? 63  LEU X C   1 
ATOM   462 O O   . LEU A 1 65 ? 18.017  3.585   -4.772  1.00 15.24 ? 63  LEU X O   1 
ATOM   463 C CB  . LEU A 1 65 ? 16.032  5.029   -2.476  1.00 15.79 ? 63  LEU X CB  1 
ATOM   464 C CG  . LEU A 1 65 ? 17.253  4.685   -1.611  1.00 15.64 ? 63  LEU X CG  1 
ATOM   465 C CD1 . LEU A 1 65 ? 18.462  5.605   -1.902  1.00 14.48 ? 63  LEU X CD1 1 
ATOM   466 C CD2 . LEU A 1 65 ? 16.847  4.764   -0.146  1.00 15.69 ? 63  LEU X CD2 1 
ATOM   467 N N   . ARG A 1 66 ? 15.973  2.665   -4.621  1.00 17.29 ? 64  ARG X N   1 
ATOM   468 C CA  . ARG A 1 66 ? 16.398  1.369   -5.201  1.00 18.95 ? 64  ARG X CA  1 
ATOM   469 C C   . ARG A 1 66 ? 17.044  1.573   -6.561  1.00 19.18 ? 64  ARG X C   1 
ATOM   470 O O   . ARG A 1 66 ? 18.117  1.036   -6.845  1.00 19.70 ? 64  ARG X O   1 
ATOM   471 C CB  . ARG A 1 66 ? 15.204  0.419   -5.365  1.00 19.17 ? 64  ARG X CB  1 
ATOM   472 C CG  . ARG A 1 66 ? 14.524  0.014   -4.072  1.00 21.05 ? 64  ARG X CG  1 
ATOM   473 C CD  . ARG A 1 66 ? 13.316  -0.858  -4.440  1.00 24.32 ? 64  ARG X CD  1 
ATOM   474 N NE  . ARG A 1 66 ? 12.248  -0.766  -3.453  1.00 26.10 ? 64  ARG X NE  1 
ATOM   475 C CZ  . ARG A 1 66 ? 10.968  -1.035  -3.705  1.00 27.16 ? 64  ARG X CZ  1 
ATOM   476 N NH1 . ARG A 1 66 ? 10.585  -1.396  -4.931  1.00 27.76 ? 64  ARG X NH1 1 
ATOM   477 N NH2 . ARG A 1 66 ? 10.065  -0.936  -2.729  1.00 29.82 ? 64  ARG X NH2 1 
ATOM   478 N N   . GLN A 1 67 ? 16.392  2.375   -7.397  1.00 19.65 ? 65  GLN X N   1 
ATOM   479 C CA  . GLN A 1 67 ? 16.896  2.675   -8.738  1.00 20.13 ? 65  GLN X CA  1 
ATOM   480 C C   . GLN A 1 67 ? 18.264  3.348   -8.711  1.00 20.16 ? 65  GLN X C   1 
ATOM   481 O O   . GLN A 1 67 ? 19.127  3.065   -9.553  1.00 20.21 ? 65  GLN X O   1 
ATOM   482 C CB  . GLN A 1 67 ? 15.890  3.544   -9.486  1.00 20.03 ? 65  GLN X CB  1 
ATOM   483 C CG  . GLN A 1 67 ? 14.620  2.796   -9.890  1.00 20.82 ? 65  GLN X CG  1 
ATOM   484 C CD  . GLN A 1 67 ? 13.505  3.724   -10.348 1.00 23.08 ? 65  GLN X CD  1 
ATOM   485 O OE1 . GLN A 1 67 ? 13.535  4.937   -10.103 1.00 22.26 ? 65  GLN X OE1 1 
ATOM   486 N NE2 . GLN A 1 67 ? 12.497  3.150   -11.007 1.00 23.12 ? 65  GLN X NE2 1 
ATOM   487 N N   . HIS A 1 68 ? 18.471  4.223   -7.736  1.00 19.85 ? 66  HIS X N   1 
ATOM   488 C CA  . HIS A 1 68 ? 19.761  4.885   -7.582  1.00 20.77 ? 66  HIS X CA  1 
ATOM   489 C C   . HIS A 1 68 ? 20.876  4.003   -6.999  1.00 21.82 ? 66  HIS X C   1 
ATOM   490 O O   . HIS A 1 68 ? 22.059  4.158   -7.351  1.00 22.92 ? 66  HIS X O   1 
ATOM   491 C CB  . HIS A 1 68 ? 19.588  6.202   -6.831  1.00 20.09 ? 66  HIS X CB  1 
ATOM   492 C CG  . HIS A 1 68 ? 19.129  7.324   -7.719  1.00 18.33 ? 66  HIS X CG  1 
ATOM   493 N ND1 . HIS A 1 68 ? 17.820  7.463   -8.131  1.00 18.33 ? 66  HIS X ND1 1 
ATOM   494 C CD2 . HIS A 1 68 ? 19.823  8.322   -8.320  1.00 16.83 ? 66  HIS X CD2 1 
ATOM   495 C CE1 . HIS A 1 68 ? 17.720  8.517   -8.923  1.00 17.68 ? 66  HIS X CE1 1 
ATOM   496 N NE2 . HIS A 1 68 ? 18.921  9.054   -9.056  1.00 16.04 ? 66  HIS X NE2 1 
ATOM   497 N N   . MET A 1 69 ? 20.503  3.058   -6.143  1.00 21.74 ? 67  MET X N   1 
ATOM   498 C CA  . MET A 1 69 ? 21.488  2.247   -5.433  1.00 21.69 ? 67  MET X CA  1 
ATOM   499 C C   . MET A 1 69 ? 21.848  0.983   -6.197  1.00 23.20 ? 67  MET X C   1 
ATOM   500 O O   . MET A 1 69 ? 22.991  0.505   -6.121  1.00 23.12 ? 67  MET X O   1 
ATOM   501 C CB  . MET A 1 69 ? 20.963  1.871   -4.047  1.00 21.73 ? 67  MET X CB  1 
ATOM   502 C CG  . MET A 1 69 ? 20.817  3.039   -3.092  1.00 20.10 ? 67  MET X CG  1 
ATOM   503 S SD  . MET A 1 69 ? 20.374  2.482   -1.430  1.00 19.47 ? 67  MET X SD  1 
ATOM   504 C CE  . MET A 1 69 ? 21.885  1.661   -0.937  1.00 17.05 ? 67  MET X CE  1 
ATOM   505 N N   . ASP A 1 70 ? 20.870  0.458   -6.927  1.00 24.22 ? 68  ASP X N   1 
ATOM   506 C CA  . ASP A 1 70 ? 20.971  -0.844  -7.570  1.00 26.32 ? 68  ASP X CA  1 
ATOM   507 C C   . ASP A 1 70 ? 21.289  -0.686  -9.060  1.00 27.22 ? 68  ASP X C   1 
ATOM   508 O O   . ASP A 1 70 ? 20.915  -1.523  -9.873  1.00 29.10 ? 68  ASP X O   1 
ATOM   509 C CB  . ASP A 1 70 ? 19.672  -1.652  -7.373  1.00 26.09 ? 68  ASP X CB  1 
ATOM   510 C CG  . ASP A 1 70 ? 19.358  -1.946  -5.897  1.00 26.87 ? 68  ASP X CG  1 
ATOM   511 O OD1 . ASP A 1 70 ? 20.170  -1.614  -5.002  1.00 28.90 ? 68  ASP X OD1 1 
ATOM   512 O OD2 . ASP A 1 70 ? 18.289  -2.528  -5.627  1.00 28.71 ? 68  ASP X OD2 1 
HETATM 513 O O   . HOH B 2 .  ? -15.129 0.810   3.810   1.00 21.88 ? 73  HOH X O   1 
HETATM 514 O O   . HOH B 2 .  ? -16.649 -1.701  5.663   1.00 28.13 ? 74  HOH X O   1 
HETATM 515 O O   . HOH B 2 .  ? -6.056  -2.702  -3.187  1.00 14.38 ? 75  HOH X O   1 
HETATM 516 O O   . HOH B 2 .  ? -8.745  -2.773  -3.314  1.00 18.32 ? 76  HOH X O   1 
HETATM 517 O O   . HOH B 2 .  ? -10.461 3.288   -0.474  1.00 26.22 ? 77  HOH X O   1 
HETATM 518 O O   . HOH B 2 .  ? 2.560   8.903   -5.850  1.00 20.25 ? 78  HOH X O   1 
HETATM 519 O O   . HOH B 2 .  ? 0.660   4.385   -7.457  1.00 27.24 ? 79  HOH X O   1 
HETATM 520 O O   . HOH B 2 .  ? 2.839   9.875   -1.394  1.00 36.55 ? 80  HOH X O   1 
HETATM 521 O O   . HOH B 2 .  ? 9.169   1.387   -0.850  1.00 20.23 ? 81  HOH X O   1 
HETATM 522 O O   . HOH B 2 .  ? 9.959   4.086   1.841   1.00 19.38 ? 82  HOH X O   1 
HETATM 523 O O   . HOH B 2 .  ? 3.393   4.064   4.437   1.00 29.59 ? 83  HOH X O   1 
HETATM 524 O O   . HOH B 2 .  ? -10.437 -9.556  5.294   1.00 22.46 ? 84  HOH X O   1 
HETATM 525 O O   . HOH B 2 .  ? -11.179 -3.573  9.678   1.00 25.87 ? 85  HOH X O   1 
HETATM 526 O O   . HOH B 2 .  ? 1.622   -6.847  9.475   1.00 18.35 ? 86  HOH X O   1 
HETATM 527 O O   . HOH B 2 .  ? 7.463   -6.166  5.511   1.00 23.67 ? 87  HOH X O   1 
HETATM 528 O O   . HOH B 2 .  ? 9.288   -4.447  -1.557  1.00 22.79 ? 88  HOH X O   1 
HETATM 529 O O   . HOH B 2 .  ? 6.720   -4.285  -3.119  1.00 29.47 ? 89  HOH X O   1 
HETATM 530 O O   . HOH B 2 .  ? 5.297   8.643   -4.422  1.00 27.09 ? 90  HOH X O   1 
HETATM 531 O O   . HOH B 2 .  ? 3.083   10.924  -7.548  1.00 39.10 ? 91  HOH X O   1 
HETATM 532 O O   . HOH B 2 .  ? 0.577   12.322  -8.232  1.00 46.13 ? 92  HOH X O   1 
HETATM 533 O O   . HOH B 2 .  ? 7.905   -1.760  -2.628  1.00 33.97 ? 93  HOH X O   1 
HETATM 534 O O   . HOH B 2 .  ? 0.828   4.459   6.153   1.00 32.72 ? 94  HOH X O   1 
HETATM 535 O O   . HOH B 2 .  ? -3.439  5.803   5.364   1.00 29.71 ? 95  HOH X O   1 
HETATM 536 O O   . HOH B 2 .  ? -11.300 5.637   -5.152  1.00 29.47 ? 96  HOH X O   1 
HETATM 537 O O   . HOH B 2 .  ? -6.530  13.633  -3.712  1.00 32.86 ? 97  HOH X O   1 
HETATM 538 O O   . HOH B 2 .  ? -6.828  2.566   -7.972  1.00 23.76 ? 98  HOH X O   1 
HETATM 539 O O   . HOH B 2 .  ? 7.503   -10.309 7.942   1.00 31.18 ? 99  HOH X O   1 
HETATM 540 O O   . HOH B 2 .  ? 7.199   -10.928 5.007   1.00 37.04 ? 100 HOH X O   1 
HETATM 541 O O   . HOH B 2 .  ? 7.156   -11.814 2.025   1.00 40.39 ? 101 HOH X O   1 
HETATM 542 O O   . HOH B 2 .  ? 12.140  -6.214  5.234   1.00 35.93 ? 102 HOH X O   1 
HETATM 543 O O   . HOH B 2 .  ? 9.756   -7.444  6.200   1.00 36.47 ? 103 HOH X O   1 
HETATM 544 O O   . HOH B 2 .  ? 13.536  -4.778  -4.206  1.00 31.49 ? 104 HOH X O   1 
HETATM 545 O O   . HOH B 2 .  ? 15.163  7.074   -9.951  1.00 29.82 ? 105 HOH X O   1 
HETATM 546 O O   . HOH B 2 .  ? 11.912  -2.148  -7.433  1.00 31.62 ? 106 HOH X O   1 
HETATM 547 O O   . HOH B 2 .  ? 17.147  6.880   -12.006 1.00 37.40 ? 107 HOH X O   1 
HETATM 548 O O   . HOH B 2 .  ? 18.564  8.412   -13.754 1.00 35.44 ? 108 HOH X O   1 
HETATM 549 O O   . HOH B 2 .  ? -10.321 10.997  -0.454  1.00 39.03 ? 109 HOH X O   1 
HETATM 550 O O   . HOH B 2 .  ? 6.744   9.869   -6.213  1.00 38.53 ? 110 HOH X O   1 
HETATM 551 O O   . HOH B 2 .  ? 6.024   10.918  -8.431  1.00 32.09 ? 111 HOH X O   1 
HETATM 552 O O   . HOH B 2 .  ? -13.306 -9.085  4.443   1.00 35.08 ? 112 HOH X O   1 
HETATM 553 O O   . HOH B 2 .  ? -8.947  -6.372  11.525  1.00 24.87 ? 113 HOH X O   1 
HETATM 554 O O   . HOH B 2 .  ? -4.091  -1.081  -9.503  1.00 29.82 ? 114 HOH X O   1 
HETATM 555 O O   . HOH B 2 .  ? 9.216   11.018  -5.116  1.00 37.42 ? 115 HOH X O   1 
HETATM 556 O O   . HOH B 2 .  ? -2.702  13.670  -2.966  1.00 53.01 ? 116 HOH X O   1 
HETATM 557 O O   . HOH B 2 .  ? -8.928  -8.390  -2.113  1.00 25.29 ? 117 HOH X O   1 
HETATM 558 O O   . HOH B 2 .  ? -6.399  -9.757  -3.251  1.00 36.61 ? 118 HOH X O   1 
HETATM 559 O O   . HOH B 2 .  ? -3.580  -10.900 3.899   1.00 36.38 ? 119 HOH X O   1 
HETATM 560 O O   . HOH B 2 .  ? -1.346  -11.749 2.524   1.00 47.74 ? 120 HOH X O   1 
HETATM 561 O O   . HOH B 2 .  ? -2.152  -8.358  10.725  1.00 33.59 ? 121 HOH X O   1 
HETATM 562 O O   . HOH B 2 .  ? -0.358  -6.875  11.229  1.00 29.31 ? 122 HOH X O   1 
HETATM 563 O O   . HOH B 2 .  ? 13.134  -7.666  -0.857  1.00 45.86 ? 123 HOH X O   1 
HETATM 564 O O   . HOH B 2 .  ? 13.944  -2.557  3.626   1.00 36.34 ? 124 HOH X O   1 
HETATM 565 O O   . HOH B 2 .  ? 11.248  5.907   -9.349  1.00 37.98 ? 125 HOH X O   1 
HETATM 566 O O   . HOH B 2 .  ? 13.499  -1.174  -9.342  1.00 38.74 ? 126 HOH X O   1 
HETATM 567 O O   . HOH B 2 .  ? 12.595  0.045   -11.352 1.00 38.79 ? 127 HOH X O   1 
HETATM 568 O O   . HOH B 2 .  ? 19.384  5.711   -11.405 1.00 44.57 ? 128 HOH X O   1 
HETATM 569 O O   . HOH B 2 .  ? 16.655  -2.952  -7.650  1.00 39.98 ? 129 HOH X O   1 
HETATM 570 O O   . HOH B 2 .  ? 18.178  -4.461  -9.680  1.00 60.66 ? 130 HOH X O   1 
HETATM 571 O O   . HOH B 2 .  ? 18.713  -3.073  -11.952 1.00 44.15 ? 131 HOH X O   1 
HETATM 572 O O   . HOH B 2 .  ? 22.796  -1.740  -3.590  1.00 39.08 ? 132 HOH X O   1 
HETATM 573 O O   . HOH B 2 .  ? -5.911  1.429   -10.172 1.00 42.84 ? 133 HOH X O   1 
HETATM 574 O O   . HOH B 2 .  ? -11.512 -8.519  -1.986  1.00 40.89 ? 134 HOH X O   1 
HETATM 575 O O   . HOH B 2 .  ? -12.689 -4.274  -3.193  1.00 38.77 ? 135 HOH X O   1 
HETATM 576 O O   . HOH B 2 .  ? -7.167  2.497   11.256  1.00 60.37 ? 136 HOH X O   1 
HETATM 577 O O   . HOH B 2 .  ? -9.634  3.357   11.562  1.00 44.99 ? 137 HOH X O   1 
HETATM 578 O O   . HOH B 2 .  ? -2.553  -10.533 10.610  1.00 51.96 ? 138 HOH X O   1 
HETATM 579 O O   . HOH B 2 .  ? 21.512  7.074   -11.390 1.00 36.09 ? 139 HOH X O   1 
HETATM 580 O O   . HOH B 2 .  ? 15.971  -2.733  1.626   1.00 37.20 ? 140 HOH X O   1 
HETATM 581 O O   . HOH B 2 .  ? -11.329 2.742   -5.170  1.00 36.02 ? 141 HOH X O   1 
HETATM 582 O O   . HOH B 2 .  ? 10.621  -9.598  4.752   1.00 38.68 ? 142 HOH X O   1 
HETATM 583 O O   . HOH B 2 .  ? 11.006  -7.677  8.525   1.00 36.97 ? 143 HOH X O   1 
HETATM 584 O O   . HOH B 2 .  ? 7.193   9.233   -1.257  1.00 37.96 ? 144 HOH X O   1 
HETATM 585 O O   . HOH B 2 .  ? -9.384  12.619  -2.715  1.00 36.40 ? 145 HOH X O   1 
HETATM 586 O O   . HOH B 2 .  ? -10.683 -1.380  11.784  1.00 43.72 ? 146 HOH X O   1 
HETATM 587 O O   . HOH B 2 .  ? 10.727  -5.329  -3.634  1.00 40.74 ? 147 HOH X O   1 
HETATM 588 O O   . HOH B 2 .  ? 23.092  6.718   -8.375  1.00 38.75 ? 148 HOH X O   1 
# 
